data_4YRN
#
_entry.id   4YRN
#
_cell.length_a   90.245
_cell.length_b   119.221
_cell.length_c   94.232
_cell.angle_alpha   90.000
_cell.angle_beta   91.280
_cell.angle_gamma   90.000
#
_symmetry.space_group_name_H-M   'C 1 2 1'
#
loop_
_entity.id
_entity.type
_entity.pdbx_description
1 polymer 'Histidyl-tRNA synthetase'
2 non-polymer HISTIDINE
3 non-polymer 6-bromopyridin-3-amine
4 non-polymer 'DIMETHYL SULFOXIDE'
5 non-polymer 1,2-ETHANEDIOL
6 non-polymer 'SULFATE ION'
7 water water
#
_entity_poly.entity_id   1
_entity_poly.type   'polypeptide(L)'
_entity_poly.pdbx_seq_one_letter_code
;MAHHHHHHMGTLEAQTQGPGSMQKNMVETEPVQGCRDFPPEAMRCRRHLFDVFHATAKTFGFEEYDAPVLESEELYIRKA
GEEITEQMFNFITKGGHRVALRPEMTPSLARLLLGKGRSLLLPAKWYSIPQCWRYEAITRGRRREHYQWNMDIVGVKSVS
AEVELVCAACWAMRSLGLSSKDVGIKVNSRKVLQTVVEQAGVTSDKFAPVCVIVDKMEKIPREEVEAQLAVLGLEPTVVD
AITTTLSLKSIDEIAQRVGEEHEAVKELRQFFEQVEAYGYGDWVLFDASVVRGLAYYTGIVFEGFDREGKFRALCGGGRY
DNLLTTYGSPTPIPCAGFGFGDCVIVELLQEKRLLPDIPHVVDDVVIPFDESMRPHALAVLRRLRDAGRSADIILDKKKV
VQAFNYADRVGAVRAVLVAPEEWERGEVQVKMLREGTGKEEGGAERGFAVPLDRLV
;
_entity_poly.pdbx_strand_id   A,B
#
loop_
_chem_comp.id
_chem_comp.type
_chem_comp.name
_chem_comp.formula
4JN non-polymer 6-bromopyridin-3-amine 'C5 H5 Br N2'
DMS non-polymer 'DIMETHYL SULFOXIDE' 'C2 H6 O S'
EDO non-polymer 1,2-ETHANEDIOL 'C2 H6 O2'
SO4 non-polymer 'SULFATE ION' 'O4 S -2'
#
# COMPACT_ATOMS: atom_id res chain seq x y z
N MET A 26 -58.22 9.52 -44.13
CA MET A 26 -56.81 9.34 -43.67
C MET A 26 -56.70 8.25 -42.60
N VAL A 27 -55.66 7.42 -42.70
CA VAL A 27 -55.40 6.37 -41.69
C VAL A 27 -54.97 6.98 -40.37
N GLU A 28 -54.98 6.18 -39.31
CA GLU A 28 -54.54 6.67 -38.01
C GLU A 28 -53.01 6.77 -37.98
N THR A 29 -52.51 7.99 -37.78
CA THR A 29 -51.06 8.22 -37.75
C THR A 29 -50.45 7.91 -36.39
N GLU A 30 -51.27 7.97 -35.34
CA GLU A 30 -50.77 7.65 -34.00
C GLU A 30 -50.56 6.14 -33.87
N PRO A 31 -49.51 5.73 -33.15
CA PRO A 31 -49.32 4.31 -32.91
C PRO A 31 -50.41 3.75 -32.02
N VAL A 32 -50.45 2.42 -31.93
CA VAL A 32 -51.37 1.72 -31.04
C VAL A 32 -51.18 2.23 -29.60
N GLN A 33 -52.30 2.26 -28.88
CA GLN A 33 -52.36 2.73 -27.50
C GLN A 33 -51.19 2.24 -26.64
N GLY A 34 -50.49 3.19 -26.02
CA GLY A 34 -49.39 2.88 -25.11
C GLY A 34 -48.08 2.40 -25.74
N CYS A 35 -47.95 2.56 -27.06
CA CYS A 35 -46.74 2.12 -27.75
C CYS A 35 -46.03 3.31 -28.39
N ARG A 36 -44.72 3.20 -28.53
CA ARG A 36 -43.90 4.28 -29.09
C ARG A 36 -43.42 4.03 -30.51
N ASP A 37 -43.47 5.10 -31.30
CA ASP A 37 -42.77 5.18 -32.57
C ASP A 37 -41.34 5.68 -32.34
N PHE A 38 -40.41 5.26 -33.20
CA PHE A 38 -39.03 5.74 -33.14
C PHE A 38 -38.59 6.24 -34.51
N PRO A 39 -39.06 7.43 -34.90
CA PRO A 39 -38.45 8.04 -36.08
C PRO A 39 -36.97 8.31 -35.82
N PRO A 40 -36.19 8.61 -36.86
CA PRO A 40 -34.74 8.64 -36.74
C PRO A 40 -34.19 9.42 -35.51
N GLU A 41 -34.71 10.61 -35.26
CA GLU A 41 -34.29 11.41 -34.11
C GLU A 41 -34.45 10.66 -32.79
N ALA A 42 -35.63 10.09 -32.55
CA ALA A 42 -35.87 9.31 -31.35
C ALA A 42 -35.02 8.02 -31.36
N MET A 43 -34.93 7.37 -32.52
CA MET A 43 -34.11 6.16 -32.66
C MET A 43 -32.63 6.41 -32.33
N ARG A 44 -32.10 7.58 -32.67
CA ARG A 44 -30.69 7.87 -32.36
C ARG A 44 -30.45 7.87 -30.85
N CYS A 45 -31.45 8.31 -30.09
CA CYS A 45 -31.42 8.34 -28.64
C CYS A 45 -31.44 6.93 -28.08
N ARG A 46 -32.39 6.13 -28.56
CA ARG A 46 -32.49 4.74 -28.16
C ARG A 46 -31.20 3.98 -28.47
N ARG A 47 -30.61 4.28 -29.61
CA ARG A 47 -29.40 3.63 -30.06
C ARG A 47 -28.19 4.04 -29.17
N HIS A 48 -28.13 5.30 -28.79
CA HIS A 48 -27.13 5.75 -27.83
C HIS A 48 -27.22 4.95 -26.52
N LEU A 49 -28.43 4.70 -26.08
CA LEU A 49 -28.65 3.92 -24.89
C LEU A 49 -28.22 2.46 -25.08
N PHE A 50 -28.72 1.85 -26.14
CA PHE A 50 -28.42 0.44 -26.43
C PHE A 50 -26.91 0.22 -26.68
N ASP A 51 -26.26 1.17 -27.33
CA ASP A 51 -24.80 1.07 -27.53
C ASP A 51 -24.11 0.81 -26.20
N VAL A 52 -24.52 1.57 -25.17
CA VAL A 52 -23.97 1.41 -23.84
C VAL A 52 -24.29 0.04 -23.23
N PHE A 53 -25.55 -0.43 -23.37
CA PHE A 53 -25.92 -1.75 -22.88
C PHE A 53 -25.08 -2.85 -23.53
N HIS A 54 -24.95 -2.80 -24.86
CA HIS A 54 -24.12 -3.77 -25.57
C HIS A 54 -22.66 -3.66 -25.18
N ALA A 55 -22.15 -2.45 -25.10
CA ALA A 55 -20.73 -2.24 -24.84
C ALA A 55 -20.41 -2.67 -23.42
N THR A 56 -21.34 -2.44 -22.48
CA THR A 56 -21.14 -2.84 -21.09
C THR A 56 -21.15 -4.36 -20.97
N ALA A 57 -22.06 -5.00 -21.69
CA ALA A 57 -22.12 -6.45 -21.70
C ALA A 57 -20.80 -7.04 -22.23
N LYS A 58 -20.29 -6.44 -23.29
CA LYS A 58 -19.06 -6.95 -23.90
C LYS A 58 -17.88 -6.73 -22.96
N THR A 59 -17.82 -5.56 -22.35
CA THR A 59 -16.79 -5.27 -21.35
C THR A 59 -16.82 -6.30 -20.20
N PHE A 60 -18.01 -6.72 -19.80
CA PHE A 60 -18.18 -7.66 -18.68
C PHE A 60 -18.21 -9.15 -19.10
N GLY A 61 -18.09 -9.42 -20.40
CA GLY A 61 -18.01 -10.78 -20.89
C GLY A 61 -19.32 -11.55 -21.00
N PHE A 62 -20.44 -10.85 -21.13
CA PHE A 62 -21.73 -11.51 -21.24
C PHE A 62 -22.01 -11.79 -22.71
N GLU A 63 -22.81 -12.82 -22.98
CA GLU A 63 -23.13 -13.25 -24.34
C GLU A 63 -24.55 -12.91 -24.66
N GLU A 64 -24.77 -12.40 -25.87
CA GLU A 64 -26.11 -12.06 -26.29
C GLU A 64 -26.96 -13.29 -26.62
N TYR A 65 -28.25 -13.20 -26.28
CA TYR A 65 -29.23 -14.18 -26.67
C TYR A 65 -30.55 -13.47 -26.95
N ASP A 66 -31.51 -14.20 -27.52
CA ASP A 66 -32.84 -13.69 -27.74
C ASP A 66 -33.82 -14.86 -27.75
N ALA A 67 -35.09 -14.54 -27.65
CA ALA A 67 -36.17 -15.53 -27.70
C ALA A 67 -37.44 -14.80 -28.16
N PRO A 68 -38.49 -15.56 -28.49
CA PRO A 68 -39.66 -14.90 -29.07
C PRO A 68 -40.39 -14.01 -28.07
N VAL A 69 -40.88 -12.88 -28.55
CA VAL A 69 -41.70 -11.99 -27.73
C VAL A 69 -43.01 -12.70 -27.30
N LEU A 70 -43.45 -13.63 -28.12
CA LEU A 70 -44.62 -14.45 -27.86
C LEU A 70 -44.24 -15.73 -27.11
N GLU A 71 -44.75 -15.90 -25.89
CA GLU A 71 -44.49 -17.08 -25.08
C GLU A 71 -45.82 -17.66 -24.62
N SER A 72 -45.77 -18.90 -24.16
CA SER A 72 -46.96 -19.54 -23.59
C SER A 72 -47.32 -18.88 -22.25
N GLU A 73 -48.60 -18.66 -22.03
CA GLU A 73 -49.08 -18.00 -20.81
C GLU A 73 -48.73 -18.82 -19.56
N GLU A 74 -48.79 -20.14 -19.68
CA GLU A 74 -48.41 -21.06 -18.59
C GLU A 74 -47.03 -20.73 -18.00
N LEU A 75 -46.17 -20.12 -18.80
CA LEU A 75 -44.84 -19.74 -18.34
C LEU A 75 -44.86 -18.71 -17.21
N TYR A 76 -45.91 -17.88 -17.15
CA TYR A 76 -45.98 -16.75 -16.19
C TYR A 76 -46.95 -16.94 -15.01
N ILE A 77 -47.55 -18.11 -14.88
CA ILE A 77 -48.55 -18.32 -13.82
C ILE A 77 -47.86 -18.76 -12.52
N ARG A 78 -47.57 -17.80 -11.65
CA ARG A 78 -46.80 -18.03 -10.42
C ARG A 78 -47.61 -17.98 -9.13
N LYS A 79 -48.78 -17.33 -9.18
CA LYS A 79 -49.77 -17.37 -8.09
C LYS A 79 -49.33 -16.70 -6.78
N ALA A 80 -48.54 -15.64 -6.90
CA ALA A 80 -48.10 -14.85 -5.75
C ALA A 80 -48.62 -13.42 -5.77
N GLY A 81 -49.57 -13.12 -6.67
CA GLY A 81 -50.18 -11.80 -6.76
C GLY A 81 -49.24 -10.72 -7.29
N GLU A 82 -48.23 -11.13 -8.04
CA GLU A 82 -47.26 -10.17 -8.59
C GLU A 82 -47.95 -9.22 -9.55
N GLU A 83 -47.47 -7.98 -9.56
CA GLU A 83 -47.99 -6.96 -10.46
C GLU A 83 -47.75 -7.40 -11.90
N ILE A 84 -46.61 -8.04 -12.11
CA ILE A 84 -46.22 -8.50 -13.43
C ILE A 84 -47.18 -9.56 -14.01
N THR A 85 -47.73 -10.44 -13.17
CA THR A 85 -48.71 -11.45 -13.60
C THR A 85 -50.11 -10.85 -13.69
N GLU A 86 -50.40 -9.90 -12.81
CA GLU A 86 -51.66 -9.16 -12.86
C GLU A 86 -51.89 -8.34 -14.14
N GLN A 87 -50.80 -7.93 -14.81
CA GLN A 87 -50.91 -7.02 -15.94
C GLN A 87 -50.39 -7.63 -17.25
N MET A 88 -50.59 -8.94 -17.39
CA MET A 88 -50.17 -9.67 -18.60
C MET A 88 -50.93 -9.22 -19.85
N PHE A 89 -50.20 -8.96 -20.93
CA PHE A 89 -50.77 -8.72 -22.27
C PHE A 89 -50.94 -10.08 -22.92
N ASN A 90 -52.09 -10.70 -22.70
CA ASN A 90 -52.32 -12.07 -23.17
C ASN A 90 -53.50 -12.17 -24.13
N PHE A 91 -53.52 -13.23 -24.93
CA PHE A 91 -54.61 -13.48 -25.86
C PHE A 91 -54.64 -14.94 -26.30
N ILE A 92 -55.71 -15.31 -26.98
CA ILE A 92 -55.95 -16.69 -27.38
C ILE A 92 -55.81 -16.81 -28.90
N THR A 93 -54.91 -17.70 -29.34
CA THR A 93 -54.70 -17.94 -30.77
C THR A 93 -55.96 -18.48 -31.44
N LYS A 94 -55.99 -18.45 -32.77
CA LYS A 94 -57.09 -19.07 -33.53
C LYS A 94 -57.18 -20.56 -33.22
N GLY A 95 -56.01 -21.18 -32.99
CA GLY A 95 -55.92 -22.58 -32.58
C GLY A 95 -56.34 -22.86 -31.15
N GLY A 96 -56.51 -21.80 -30.35
CA GLY A 96 -57.04 -21.92 -29.00
C GLY A 96 -55.99 -22.04 -27.90
N HIS A 97 -54.74 -21.67 -28.20
CA HIS A 97 -53.66 -21.75 -27.21
C HIS A 97 -53.47 -20.42 -26.48
N ARG A 98 -53.25 -20.51 -25.17
CA ARG A 98 -53.06 -19.34 -24.31
C ARG A 98 -51.62 -18.82 -24.47
N VAL A 99 -51.46 -17.68 -25.13
CA VAL A 99 -50.14 -17.05 -25.30
C VAL A 99 -50.12 -15.64 -24.72
N ALA A 100 -48.92 -15.09 -24.59
CA ALA A 100 -48.74 -13.74 -24.09
C ALA A 100 -47.50 -13.09 -24.69
N LEU A 101 -47.60 -11.78 -24.90
CA LEU A 101 -46.41 -10.97 -25.14
C LEU A 101 -45.72 -10.88 -23.81
N ARG A 102 -44.46 -11.29 -23.79
CA ARG A 102 -43.70 -11.42 -22.55
C ARG A 102 -43.77 -10.15 -21.70
N PRO A 103 -44.08 -10.27 -20.40
CA PRO A 103 -43.99 -9.12 -19.51
C PRO A 103 -42.57 -8.92 -18.99
N GLU A 104 -41.76 -9.96 -19.04
CA GLU A 104 -40.38 -9.91 -18.59
C GLU A 104 -39.60 -10.97 -19.38
N MET A 105 -38.29 -11.02 -19.19
CA MET A 105 -37.46 -11.96 -19.92
C MET A 105 -37.01 -13.18 -19.11
N THR A 106 -37.00 -13.08 -17.79
CA THR A 106 -36.37 -14.11 -16.97
C THR A 106 -36.96 -15.52 -17.20
N PRO A 107 -38.29 -15.64 -17.35
CA PRO A 107 -38.84 -16.96 -17.63
C PRO A 107 -38.37 -17.55 -18.96
N SER A 108 -38.29 -16.71 -19.99
CA SER A 108 -37.76 -17.14 -21.28
C SER A 108 -36.33 -17.64 -21.11
N LEU A 109 -35.52 -16.90 -20.37
CA LEU A 109 -34.14 -17.31 -20.09
C LEU A 109 -34.11 -18.69 -19.45
N ALA A 110 -34.93 -18.86 -18.43
CA ALA A 110 -35.01 -20.12 -17.73
C ALA A 110 -35.43 -21.28 -18.65
N ARG A 111 -36.40 -21.02 -19.54
CA ARG A 111 -36.85 -22.01 -20.52
C ARG A 111 -35.70 -22.46 -21.43
N LEU A 112 -34.95 -21.49 -21.95
CA LEU A 112 -33.77 -21.79 -22.74
C LEU A 112 -32.75 -22.58 -21.94
N LEU A 113 -32.49 -22.17 -20.70
CA LEU A 113 -31.50 -22.86 -19.87
C LEU A 113 -31.93 -24.29 -19.62
N LEU A 114 -33.21 -24.47 -19.32
CA LEU A 114 -33.77 -25.78 -19.04
C LEU A 114 -33.74 -26.65 -20.31
N GLY A 115 -33.94 -26.04 -21.47
CA GLY A 115 -33.83 -26.77 -22.73
C GLY A 115 -32.45 -27.36 -22.98
N LYS A 116 -31.40 -26.58 -22.74
CA LYS A 116 -30.04 -27.05 -22.93
C LYS A 116 -29.64 -28.10 -21.91
N GLY A 117 -30.16 -27.97 -20.69
CA GLY A 117 -29.90 -28.96 -19.64
C GLY A 117 -28.42 -29.16 -19.40
N ARG A 118 -28.01 -30.42 -19.51
CA ARG A 118 -26.66 -30.85 -19.21
C ARG A 118 -25.60 -30.31 -20.16
N SER A 119 -25.98 -30.00 -21.39
CA SER A 119 -25.05 -29.51 -22.39
C SER A 119 -24.64 -28.03 -22.23
N LEU A 120 -25.22 -27.29 -21.29
CA LEU A 120 -24.82 -25.89 -21.10
C LEU A 120 -23.58 -25.81 -20.22
N LEU A 121 -22.51 -25.20 -20.73
CA LEU A 121 -21.31 -24.96 -19.94
C LEU A 121 -21.59 -23.84 -18.93
N LEU A 122 -21.26 -24.11 -17.67
CA LEU A 122 -21.45 -23.17 -16.57
C LEU A 122 -20.08 -22.83 -16.02
N PRO A 123 -19.85 -21.58 -15.59
CA PRO A 123 -20.86 -20.52 -15.53
C PRO A 123 -21.21 -19.94 -16.88
N ALA A 124 -22.43 -19.44 -17.00
CA ALA A 124 -22.87 -18.73 -18.19
C ALA A 124 -23.30 -17.32 -17.81
N LYS A 125 -22.94 -16.37 -18.67
CA LYS A 125 -23.30 -14.98 -18.50
C LYS A 125 -23.99 -14.55 -19.78
N TRP A 126 -25.32 -14.38 -19.71
CA TRP A 126 -26.14 -14.11 -20.87
C TRP A 126 -26.88 -12.78 -20.73
N TYR A 127 -27.00 -12.05 -21.84
CA TYR A 127 -27.73 -10.80 -21.83
C TYR A 127 -28.61 -10.65 -23.06
N SER A 128 -29.58 -9.74 -22.95
CA SER A 128 -30.46 -9.41 -24.07
CA SER A 128 -30.48 -9.40 -24.07
C SER A 128 -31.11 -8.04 -23.82
N ILE A 129 -31.72 -7.47 -24.87
CA ILE A 129 -32.44 -6.21 -24.74
C ILE A 129 -33.85 -6.37 -25.33
N PRO A 130 -34.66 -7.28 -24.75
CA PRO A 130 -36.03 -7.48 -25.25
C PRO A 130 -36.98 -6.32 -25.03
N GLN A 131 -37.86 -6.09 -26.00
CA GLN A 131 -39.08 -5.35 -25.74
C GLN A 131 -39.98 -6.23 -24.88
N CYS A 132 -40.51 -5.68 -23.79
CA CYS A 132 -41.46 -6.38 -22.93
C CYS A 132 -42.75 -5.60 -22.79
N TRP A 133 -43.82 -6.32 -22.42
CA TRP A 133 -45.18 -5.84 -22.61
C TRP A 133 -46.09 -5.99 -21.39
N ARG A 134 -47.08 -5.12 -21.33
CA ARG A 134 -48.12 -5.19 -20.30
C ARG A 134 -49.41 -4.58 -20.82
N TYR A 135 -50.52 -5.01 -20.24
CA TYR A 135 -51.82 -4.43 -20.51
C TYR A 135 -52.32 -3.73 -19.26
N GLU A 136 -52.83 -2.51 -19.43
CA GLU A 136 -53.43 -1.74 -18.34
C GLU A 136 -54.64 -0.98 -18.84
N ALA A 137 -55.75 -1.08 -18.11
CA ALA A 137 -56.97 -0.35 -18.44
C ALA A 137 -56.87 1.11 -17.99
N ILE A 138 -56.14 1.90 -18.78
CA ILE A 138 -56.06 3.36 -18.55
C ILE A 138 -56.23 4.03 -19.93
N THR A 139 -57.48 4.29 -20.29
CA THR A 139 -57.82 4.82 -21.60
C THR A 139 -57.75 3.75 -22.70
N ARG A 142 -49.73 4.02 -18.10
CA ARG A 142 -50.27 4.24 -19.44
C ARG A 142 -49.39 3.63 -20.55
N ARG A 143 -48.08 3.54 -20.31
CA ARG A 143 -47.17 2.82 -21.22
C ARG A 143 -47.45 1.32 -21.20
N ARG A 144 -47.52 0.71 -22.39
CA ARG A 144 -47.71 -0.74 -22.52
C ARG A 144 -46.50 -1.53 -23.00
N GLU A 145 -45.46 -0.84 -23.44
CA GLU A 145 -44.20 -1.52 -23.78
C GLU A 145 -43.02 -0.72 -23.35
N HIS A 146 -41.94 -1.43 -23.06
CA HIS A 146 -40.64 -0.85 -22.84
C HIS A 146 -39.58 -1.85 -23.30
N TYR A 147 -38.37 -1.37 -23.50
CA TYR A 147 -37.23 -2.23 -23.73
C TYR A 147 -36.53 -2.37 -22.40
N GLN A 148 -35.98 -3.56 -22.15
CA GLN A 148 -35.38 -3.86 -20.88
C GLN A 148 -34.12 -4.68 -21.06
N TRP A 149 -32.99 -4.07 -20.73
CA TRP A 149 -31.69 -4.73 -20.75
C TRP A 149 -31.74 -5.80 -19.69
N ASN A 150 -31.51 -7.05 -20.07
CA ASN A 150 -31.37 -8.12 -19.08
C ASN A 150 -29.95 -8.61 -19.03
N MET A 151 -29.44 -8.80 -17.83
CA MET A 151 -28.11 -9.40 -17.64
C MET A 151 -28.29 -10.45 -16.57
N ASP A 152 -27.82 -11.67 -16.83
CA ASP A 152 -27.95 -12.75 -15.86
C ASP A 152 -26.69 -13.60 -15.83
N ILE A 153 -26.32 -14.02 -14.62
CA ILE A 153 -25.26 -14.98 -14.39
C ILE A 153 -25.84 -16.31 -13.86
N VAL A 154 -25.49 -17.40 -14.54
CA VAL A 154 -26.06 -18.72 -14.28
C VAL A 154 -24.96 -19.66 -13.83
N GLY A 155 -25.17 -20.35 -12.71
CA GLY A 155 -24.22 -21.38 -12.24
C GLY A 155 -23.15 -20.90 -11.26
N VAL A 156 -23.35 -19.73 -10.66
CA VAL A 156 -22.45 -19.19 -9.67
C VAL A 156 -23.20 -19.08 -8.34
N LYS A 157 -22.76 -19.86 -7.35
CA LYS A 157 -23.40 -19.88 -6.05
C LYS A 157 -23.07 -18.65 -5.22
N SER A 158 -21.89 -18.08 -5.41
CA SER A 158 -21.39 -17.06 -4.51
C SER A 158 -21.77 -15.61 -4.94
N VAL A 159 -21.64 -14.68 -3.99
CA VAL A 159 -22.07 -13.30 -4.17
C VAL A 159 -21.26 -12.53 -5.21
N SER A 160 -20.14 -13.08 -5.66
CA SER A 160 -19.40 -12.51 -6.78
C SER A 160 -20.30 -12.25 -8.00
N ALA A 161 -21.31 -13.11 -8.20
CA ALA A 161 -22.29 -12.88 -9.27
C ALA A 161 -23.01 -11.55 -9.09
N GLU A 162 -23.62 -11.38 -7.94
CA GLU A 162 -24.36 -10.15 -7.66
C GLU A 162 -23.45 -8.94 -7.71
N VAL A 163 -22.23 -9.10 -7.21
CA VAL A 163 -21.23 -8.05 -7.30
C VAL A 163 -21.05 -7.60 -8.75
N GLU A 164 -20.74 -8.57 -9.62
CA GLU A 164 -20.50 -8.27 -11.02
C GLU A 164 -21.71 -7.59 -11.68
N LEU A 165 -22.90 -8.08 -11.34
CA LEU A 165 -24.14 -7.54 -11.89
C LEU A 165 -24.34 -6.10 -11.46
N VAL A 166 -24.14 -5.82 -10.18
CA VAL A 166 -24.32 -4.47 -9.68
C VAL A 166 -23.26 -3.55 -10.30
N CYS A 167 -22.03 -4.03 -10.38
CA CYS A 167 -21.00 -3.26 -11.04
C CYS A 167 -21.34 -2.99 -12.51
N ALA A 168 -21.94 -3.96 -13.20
CA ALA A 168 -22.31 -3.78 -14.61
C ALA A 168 -23.33 -2.65 -14.76
N ALA A 169 -24.37 -2.68 -13.93
CA ALA A 169 -25.36 -1.61 -13.91
C ALA A 169 -24.74 -0.22 -13.65
N CYS A 170 -23.85 -0.12 -12.67
CA CYS A 170 -23.17 1.13 -12.39
C CYS A 170 -22.33 1.60 -13.58
N TRP A 171 -21.58 0.66 -14.15
CA TRP A 171 -20.75 0.88 -15.34
C TRP A 171 -21.56 1.47 -16.48
N ALA A 172 -22.74 0.89 -16.72
CA ALA A 172 -23.62 1.41 -17.76
C ALA A 172 -24.00 2.86 -17.45
N MET A 173 -24.41 3.11 -16.21
CA MET A 173 -24.81 4.45 -15.82
C MET A 173 -23.66 5.44 -15.93
N ARG A 174 -22.47 5.05 -15.48
CA ARG A 174 -21.30 5.91 -15.59
C ARG A 174 -20.98 6.16 -17.05
N SER A 175 -21.14 5.13 -17.88
CA SER A 175 -20.86 5.26 -19.32
C SER A 175 -21.76 6.32 -19.98
N LEU A 176 -22.99 6.42 -19.50
CA LEU A 176 -23.95 7.44 -19.96
C LEU A 176 -23.70 8.86 -19.41
N GLY A 177 -22.69 9.03 -18.55
CA GLY A 177 -22.31 10.33 -18.00
C GLY A 177 -22.74 10.56 -16.55
N LEU A 178 -23.45 9.60 -15.97
CA LEU A 178 -23.89 9.74 -14.58
C LEU A 178 -22.74 9.44 -13.60
N SER A 179 -22.82 10.03 -12.42
CA SER A 179 -21.85 9.79 -11.35
C SER A 179 -22.52 9.26 -10.09
N SER A 180 -21.73 8.95 -9.08
CA SER A 180 -22.26 8.41 -7.83
C SER A 180 -22.94 9.50 -7.02
N LYS A 181 -22.72 10.76 -7.41
CA LYS A 181 -23.51 11.86 -6.90
C LYS A 181 -24.93 11.83 -7.48
N ASP A 182 -25.10 11.28 -8.67
CA ASP A 182 -26.41 11.26 -9.33
C ASP A 182 -27.25 10.05 -8.94
N VAL A 183 -26.62 8.88 -8.83
CA VAL A 183 -27.34 7.64 -8.62
C VAL A 183 -26.67 6.74 -7.61
N GLY A 184 -27.41 5.73 -7.18
CA GLY A 184 -26.86 4.65 -6.39
C GLY A 184 -27.62 3.36 -6.62
N ILE A 185 -27.13 2.29 -5.98
CA ILE A 185 -27.83 1.00 -5.95
C ILE A 185 -28.07 0.60 -4.50
N LYS A 186 -29.34 0.52 -4.12
CA LYS A 186 -29.74 0.00 -2.81
C LYS A 186 -29.67 -1.53 -2.82
N VAL A 187 -29.03 -2.11 -1.82
CA VAL A 187 -28.83 -3.57 -1.76
C VAL A 187 -29.34 -4.18 -0.44
N ASN A 188 -29.93 -5.36 -0.53
CA ASN A 188 -30.47 -6.07 0.63
C ASN A 188 -30.42 -7.55 0.35
N SER A 189 -30.70 -8.38 1.36
CA SER A 189 -30.90 -9.81 1.16
C SER A 189 -32.26 -10.22 1.69
N ARG A 190 -33.02 -10.97 0.91
CA ARG A 190 -34.30 -11.52 1.35
C ARG A 190 -34.17 -12.59 2.44
N LYS A 191 -32.96 -13.12 2.63
CA LYS A 191 -32.71 -14.13 3.67
C LYS A 191 -32.98 -13.63 5.10
N VAL A 192 -32.78 -12.34 5.35
CA VAL A 192 -33.04 -11.77 6.67
C VAL A 192 -34.53 -11.94 7.00
N LEU A 193 -35.36 -11.45 6.10
CA LEU A 193 -36.81 -11.54 6.24
C LEU A 193 -37.28 -13.00 6.27
N GLN A 194 -36.64 -13.85 5.46
CA GLN A 194 -36.94 -15.28 5.44
C GLN A 194 -36.88 -15.87 6.84
N THR A 195 -35.76 -15.63 7.52
CA THR A 195 -35.54 -16.12 8.87
C THR A 195 -36.57 -15.56 9.85
N VAL A 196 -36.86 -14.27 9.76
CA VAL A 196 -37.84 -13.63 10.66
C VAL A 196 -39.22 -14.28 10.48
N VAL A 197 -39.65 -14.43 9.24
CA VAL A 197 -40.93 -15.06 8.91
C VAL A 197 -40.94 -16.54 9.30
N GLU A 198 -39.83 -17.23 9.07
CA GLU A 198 -39.73 -18.65 9.40
C GLU A 198 -39.67 -18.92 10.92
N GLN A 199 -39.06 -18.01 11.68
CA GLN A 199 -39.04 -18.08 13.15
C GLN A 199 -40.45 -17.93 13.74
N ALA A 200 -41.30 -17.18 13.04
CA ALA A 200 -42.68 -16.97 13.49
C ALA A 200 -43.60 -18.17 13.19
N GLY A 201 -43.09 -19.17 12.47
CA GLY A 201 -43.85 -20.41 12.21
C GLY A 201 -44.67 -20.38 10.94
N VAL A 202 -44.34 -19.45 10.05
CA VAL A 202 -45.07 -19.29 8.80
C VAL A 202 -44.52 -20.26 7.77
N THR A 203 -45.41 -21.06 7.17
CA THR A 203 -45.04 -22.02 6.14
C THR A 203 -44.28 -21.33 5.00
N SER A 204 -43.30 -22.04 4.45
CA SER A 204 -42.41 -21.48 3.43
C SER A 204 -43.15 -20.91 2.21
N ASP A 205 -44.21 -21.59 1.78
CA ASP A 205 -45.01 -21.15 0.63
C ASP A 205 -45.58 -19.73 0.77
N LYS A 206 -45.72 -19.24 2.01
CA LYS A 206 -46.16 -17.88 2.25
C LYS A 206 -45.06 -16.82 2.03
N PHE A 207 -43.79 -17.24 1.91
CA PHE A 207 -42.68 -16.29 1.88
C PHE A 207 -42.69 -15.39 0.64
N ALA A 208 -42.94 -15.98 -0.52
CA ALA A 208 -43.02 -15.21 -1.76
C ALA A 208 -44.14 -14.15 -1.73
N PRO A 209 -45.39 -14.57 -1.38
CA PRO A 209 -46.47 -13.60 -1.19
C PRO A 209 -46.10 -12.46 -0.23
N VAL A 210 -45.43 -12.79 0.88
CA VAL A 210 -45.00 -11.76 1.85
C VAL A 210 -44.08 -10.72 1.21
N CYS A 211 -43.10 -11.18 0.44
CA CYS A 211 -42.19 -10.27 -0.29
C CYS A 211 -42.96 -9.39 -1.26
N VAL A 212 -43.88 -9.98 -2.02
CA VAL A 212 -44.69 -9.26 -2.99
C VAL A 212 -45.52 -8.16 -2.29
N ILE A 213 -46.11 -8.50 -1.14
CA ILE A 213 -46.89 -7.53 -0.37
C ILE A 213 -46.02 -6.42 0.19
N VAL A 214 -44.93 -6.82 0.83
CA VAL A 214 -44.02 -5.89 1.52
C VAL A 214 -43.31 -4.96 0.55
N ASP A 215 -43.13 -5.40 -0.69
CA ASP A 215 -42.60 -4.55 -1.77
C ASP A 215 -43.49 -3.31 -1.99
N LYS A 216 -44.76 -3.40 -1.63
CA LYS A 216 -45.72 -2.32 -1.83
C LYS A 216 -45.63 -1.18 -0.81
N MET A 217 -44.63 -1.23 0.08
CA MET A 217 -44.46 -0.31 1.21
C MET A 217 -44.02 1.07 0.74
N GLU A 218 -43.38 1.13 -0.43
CA GLU A 218 -42.74 2.35 -0.95
C GLU A 218 -43.54 3.62 -0.69
N PRO A 221 -48.86 2.04 0.95
CA PRO A 221 -49.65 2.62 2.04
C PRO A 221 -49.60 1.76 3.32
N ARG A 222 -48.95 2.29 4.36
CA ARG A 222 -48.55 1.50 5.55
C ARG A 222 -49.66 0.69 6.21
N GLU A 223 -50.87 1.26 6.24
CA GLU A 223 -52.03 0.57 6.81
C GLU A 223 -52.49 -0.59 5.92
N GLU A 224 -52.53 -0.35 4.61
CA GLU A 224 -53.01 -1.35 3.64
C GLU A 224 -52.05 -2.55 3.50
N VAL A 225 -50.76 -2.32 3.65
CA VAL A 225 -49.75 -3.41 3.59
C VAL A 225 -49.93 -4.36 4.77
N GLU A 226 -50.10 -3.79 5.97
CA GLU A 226 -50.37 -4.58 7.18
C GLU A 226 -51.69 -5.35 7.06
N ALA A 227 -52.68 -4.78 6.37
CA ALA A 227 -53.95 -5.46 6.14
C ALA A 227 -53.82 -6.66 5.20
N GLN A 228 -53.10 -6.48 4.10
CA GLN A 228 -52.86 -7.58 3.15
C GLN A 228 -52.10 -8.76 3.76
N LEU A 229 -51.16 -8.47 4.66
CA LEU A 229 -50.41 -9.52 5.36
C LEU A 229 -51.30 -10.34 6.30
N ALA A 230 -52.30 -9.69 6.91
CA ALA A 230 -53.27 -10.38 7.78
C ALA A 230 -54.12 -11.36 6.99
N VAL A 231 -54.58 -10.93 5.81
CA VAL A 231 -55.33 -11.79 4.88
C VAL A 231 -54.52 -13.02 4.48
N LEU A 232 -53.19 -12.85 4.43
CA LEU A 232 -52.28 -13.95 4.16
C LEU A 232 -52.23 -14.97 5.29
N GLY A 233 -52.72 -14.58 6.46
CA GLY A 233 -52.84 -15.49 7.62
C GLY A 233 -51.80 -15.25 8.69
N LEU A 234 -51.14 -14.09 8.66
CA LEU A 234 -50.09 -13.73 9.63
C LEU A 234 -50.66 -12.84 10.74
N GLU A 235 -50.41 -13.22 11.99
CA GLU A 235 -50.92 -12.46 13.15
C GLU A 235 -50.12 -11.15 13.35
N PRO A 236 -50.66 -10.21 14.16
CA PRO A 236 -50.08 -8.87 14.35
C PRO A 236 -48.60 -8.82 14.77
N THR A 237 -48.18 -9.73 15.65
CA THR A 237 -46.80 -9.73 16.15
C THR A 237 -45.80 -10.16 15.07
N VAL A 238 -46.24 -11.02 14.17
CA VAL A 238 -45.44 -11.46 13.02
C VAL A 238 -45.31 -10.32 12.02
N VAL A 239 -46.39 -9.57 11.85
CA VAL A 239 -46.38 -8.35 11.04
C VAL A 239 -45.44 -7.32 11.65
N ASP A 240 -45.49 -7.18 12.98
CA ASP A 240 -44.63 -6.24 13.71
C ASP A 240 -43.14 -6.52 13.47
N ALA A 241 -42.76 -7.80 13.49
CA ALA A 241 -41.36 -8.19 13.31
C ALA A 241 -40.89 -7.89 11.90
N ILE A 242 -41.78 -8.11 10.92
CA ILE A 242 -41.49 -7.77 9.54
C ILE A 242 -41.25 -6.26 9.37
N THR A 243 -42.16 -5.46 9.91
CA THR A 243 -42.06 -4.01 9.85
C THR A 243 -40.75 -3.51 10.44
N THR A 244 -40.41 -3.98 11.64
CA THR A 244 -39.20 -3.53 12.32
C THR A 244 -37.94 -3.84 11.54
N THR A 245 -37.86 -5.04 10.96
CA THR A 245 -36.64 -5.47 10.27
C THR A 245 -36.40 -4.70 8.98
N LEU A 246 -37.48 -4.26 8.33
CA LEU A 246 -37.37 -3.42 7.12
C LEU A 246 -36.91 -2.00 7.44
N SER A 247 -37.06 -1.62 8.69
CA SER A 247 -36.70 -0.28 9.15
C SER A 247 -35.30 -0.20 9.76
N LEU A 248 -34.59 -1.32 9.82
CA LEU A 248 -33.24 -1.34 10.38
C LEU A 248 -32.28 -0.73 9.38
N LYS A 249 -31.46 0.22 9.81
CA LYS A 249 -30.75 1.10 8.88
C LYS A 249 -29.30 0.71 8.58
N SER A 250 -28.80 -0.36 9.19
CA SER A 250 -27.42 -0.81 8.94
C SER A 250 -27.31 -2.32 8.99
N ILE A 251 -26.19 -2.83 8.48
CA ILE A 251 -25.89 -4.26 8.52
C ILE A 251 -25.61 -4.69 9.96
N ASP A 252 -24.94 -3.83 10.72
CA ASP A 252 -24.68 -4.13 12.13
C ASP A 252 -25.98 -4.35 12.89
N GLU A 253 -26.99 -3.54 12.57
CA GLU A 253 -28.32 -3.73 13.17
C GLU A 253 -28.99 -5.05 12.75
N ILE A 254 -28.78 -5.46 11.50
CA ILE A 254 -29.21 -6.80 11.07
C ILE A 254 -28.44 -7.84 11.87
N ALA A 255 -27.14 -7.64 12.04
CA ALA A 255 -26.31 -8.54 12.83
C ALA A 255 -26.83 -8.71 14.26
N GLN A 256 -27.27 -7.63 14.89
CA GLN A 256 -27.84 -7.71 16.25
C GLN A 256 -29.08 -8.60 16.29
N ARG A 257 -29.87 -8.54 15.24
CA ARG A 257 -31.14 -9.25 15.19
C ARG A 257 -30.99 -10.75 14.90
N VAL A 258 -30.24 -11.08 13.86
CA VAL A 258 -30.10 -12.47 13.42
C VAL A 258 -28.72 -13.09 13.63
N GLY A 259 -27.76 -12.30 14.09
CA GLY A 259 -26.40 -12.78 14.34
C GLY A 259 -25.46 -12.40 13.22
N GLU A 260 -24.19 -12.18 13.59
CA GLU A 260 -23.13 -11.81 12.64
C GLU A 260 -22.76 -12.98 11.71
N GLU A 261 -23.09 -14.19 12.11
CA GLU A 261 -22.77 -15.35 11.27
C GLU A 261 -23.97 -15.84 10.47
N HIS A 262 -25.10 -15.12 10.53
CA HIS A 262 -26.23 -15.39 9.63
C HIS A 262 -25.77 -15.23 8.19
N GLU A 263 -26.23 -16.13 7.31
CA GLU A 263 -25.83 -16.14 5.90
C GLU A 263 -25.91 -14.76 5.25
N ALA A 264 -27.03 -14.07 5.50
CA ALA A 264 -27.26 -12.74 4.91
C ALA A 264 -26.16 -11.75 5.30
N VAL A 265 -25.72 -11.79 6.55
CA VAL A 265 -24.72 -10.84 7.01
C VAL A 265 -23.37 -11.10 6.33
N LYS A 266 -22.91 -12.34 6.39
CA LYS A 266 -21.64 -12.72 5.74
C LYS A 266 -21.67 -12.37 4.26
N GLU A 267 -22.76 -12.68 3.59
CA GLU A 267 -22.86 -12.45 2.15
C GLU A 267 -22.89 -10.95 1.81
N LEU A 268 -23.70 -10.19 2.56
CA LEU A 268 -23.77 -8.75 2.33
C LEU A 268 -22.40 -8.11 2.59
N ARG A 269 -21.69 -8.56 3.62
CA ARG A 269 -20.36 -8.06 3.91
C ARG A 269 -19.39 -8.35 2.75
N GLN A 270 -19.38 -9.60 2.30
CA GLN A 270 -18.61 -10.00 1.12
C GLN A 270 -18.93 -9.13 -0.10
N PHE A 271 -20.22 -8.95 -0.35
CA PHE A 271 -20.68 -8.12 -1.46
C PHE A 271 -20.06 -6.73 -1.41
N PHE A 272 -20.22 -6.03 -0.29
CA PHE A 272 -19.71 -4.67 -0.18
C PHE A 272 -18.17 -4.61 -0.25
N GLU A 273 -17.52 -5.58 0.39
CA GLU A 273 -16.07 -5.70 0.27
C GLU A 273 -15.63 -5.83 -1.21
N GLN A 274 -16.33 -6.65 -1.99
CA GLN A 274 -15.94 -6.85 -3.39
C GLN A 274 -16.20 -5.63 -4.29
N VAL A 275 -17.34 -4.97 -4.11
CA VAL A 275 -17.63 -3.74 -4.84
C VAL A 275 -16.61 -2.63 -4.51
N GLU A 276 -16.27 -2.50 -3.23
CA GLU A 276 -15.23 -1.59 -2.80
C GLU A 276 -13.92 -1.90 -3.54
N ALA A 277 -13.55 -3.17 -3.58
CA ALA A 277 -12.30 -3.60 -4.25
C ALA A 277 -12.28 -3.23 -5.74
N TYR A 278 -13.43 -3.36 -6.40
CA TYR A 278 -13.59 -3.03 -7.80
C TYR A 278 -13.57 -1.51 -8.05
N GLY A 279 -13.84 -0.71 -7.01
CA GLY A 279 -13.76 0.75 -7.09
C GLY A 279 -15.09 1.47 -7.19
N TYR A 280 -16.19 0.76 -6.92
CA TYR A 280 -17.52 1.32 -7.03
C TYR A 280 -18.24 1.43 -5.68
N GLY A 281 -17.47 1.52 -4.60
CA GLY A 281 -18.01 1.64 -3.23
C GLY A 281 -18.95 2.83 -3.01
N ASP A 282 -18.64 3.96 -3.63
CA ASP A 282 -19.50 5.13 -3.51
C ASP A 282 -20.86 4.95 -4.20
N TRP A 283 -21.00 3.95 -5.06
CA TRP A 283 -22.24 3.73 -5.82
C TRP A 283 -23.29 2.88 -5.10
N VAL A 284 -22.88 2.20 -4.04
CA VAL A 284 -23.73 1.16 -3.45
C VAL A 284 -23.94 1.42 -1.99
N LEU A 285 -25.07 0.94 -1.48
CA LEU A 285 -25.41 1.09 -0.08
C LEU A 285 -26.46 0.07 0.35
N PHE A 286 -26.57 -0.11 1.66
CA PHE A 286 -27.51 -1.04 2.25
C PHE A 286 -28.85 -0.38 2.53
N ASP A 287 -29.93 -1.08 2.22
CA ASP A 287 -31.29 -0.63 2.53
C ASP A 287 -32.15 -1.86 2.78
N ALA A 288 -32.54 -2.04 4.03
CA ALA A 288 -33.31 -3.20 4.45
C ALA A 288 -34.76 -3.22 3.95
N SER A 289 -35.25 -2.12 3.38
CA SER A 289 -36.60 -2.08 2.83
C SER A 289 -36.70 -2.60 1.38
N VAL A 290 -35.57 -2.88 0.75
CA VAL A 290 -35.56 -3.38 -0.62
C VAL A 290 -35.82 -4.89 -0.70
N VAL A 291 -36.92 -5.27 -1.34
CA VAL A 291 -37.25 -6.67 -1.55
C VAL A 291 -37.53 -7.04 -3.02
N ARG A 292 -37.98 -6.06 -3.81
CA ARG A 292 -38.44 -6.26 -5.19
C ARG A 292 -39.79 -6.96 -5.20
N GLY A 293 -40.50 -6.81 -6.31
CA GLY A 293 -41.84 -7.33 -6.46
C GLY A 293 -41.97 -8.70 -7.10
N LEU A 294 -40.86 -9.37 -7.38
CA LEU A 294 -40.91 -10.67 -8.02
C LEU A 294 -40.88 -11.81 -7.02
N ALA A 295 -41.65 -12.86 -7.31
CA ALA A 295 -41.79 -13.98 -6.39
C ALA A 295 -40.45 -14.68 -6.19
N TYR A 296 -39.66 -14.76 -7.25
CA TYR A 296 -38.60 -15.75 -7.32
C TYR A 296 -37.25 -15.41 -6.66
N TYR A 297 -37.06 -14.19 -6.17
CA TYR A 297 -35.77 -13.88 -5.52
C TYR A 297 -35.63 -14.60 -4.15
N THR A 298 -34.49 -15.26 -3.98
CA THR A 298 -34.17 -16.04 -2.78
C THR A 298 -33.12 -15.38 -1.90
N GLY A 299 -32.28 -14.53 -2.48
CA GLY A 299 -31.11 -14.01 -1.77
C GLY A 299 -30.97 -12.50 -1.90
N ILE A 300 -29.79 -12.06 -2.30
CA ILE A 300 -29.53 -10.66 -2.51
C ILE A 300 -30.49 -10.07 -3.55
N VAL A 301 -31.05 -8.90 -3.22
CA VAL A 301 -31.84 -8.12 -4.16
C VAL A 301 -31.32 -6.69 -4.16
N PHE A 302 -31.54 -5.98 -5.27
CA PHE A 302 -31.05 -4.63 -5.42
C PHE A 302 -31.87 -3.84 -6.44
N GLU A 303 -31.78 -2.52 -6.32
CA GLU A 303 -32.39 -1.62 -7.27
C GLU A 303 -31.67 -0.27 -7.33
N GLY A 304 -31.59 0.28 -8.53
CA GLY A 304 -30.93 1.56 -8.77
C GLY A 304 -31.90 2.68 -8.58
N PHE A 305 -31.40 3.84 -8.18
CA PHE A 305 -32.26 4.96 -7.84
C PHE A 305 -31.50 6.25 -8.03
N ASP A 306 -32.23 7.33 -8.28
CA ASP A 306 -31.59 8.64 -8.37
C ASP A 306 -31.53 9.28 -6.99
N ARG A 307 -30.41 9.95 -6.73
CA ARG A 307 -30.13 10.51 -5.41
C ARG A 307 -31.01 11.69 -5.05
N GLU A 308 -31.69 12.27 -6.03
CA GLU A 308 -32.62 13.39 -5.78
C GLU A 308 -34.03 12.91 -5.41
N GLY A 309 -34.28 11.61 -5.48
CA GLY A 309 -35.58 11.06 -5.10
C GLY A 309 -36.71 11.46 -6.02
N LYS A 310 -36.41 11.62 -7.31
CA LYS A 310 -37.38 12.10 -8.29
C LYS A 310 -38.03 11.02 -9.14
N PHE A 311 -37.35 9.90 -9.34
CA PHE A 311 -37.83 8.90 -10.28
C PHE A 311 -38.04 7.54 -9.65
N ARG A 312 -38.84 6.71 -10.32
CA ARG A 312 -38.97 5.31 -9.97
C ARG A 312 -37.62 4.58 -10.16
N ALA A 313 -37.59 3.30 -9.83
CA ALA A 313 -36.35 2.51 -9.94
C ALA A 313 -35.73 2.52 -11.35
N LEU A 314 -34.42 2.67 -11.43
CA LEU A 314 -33.69 2.73 -12.71
C LEU A 314 -33.38 1.33 -13.21
N CYS A 315 -33.17 0.42 -12.28
CA CYS A 315 -32.99 -0.99 -12.59
C CYS A 315 -33.31 -1.80 -11.35
N GLY A 316 -33.48 -3.10 -11.54
CA GLY A 316 -33.79 -3.99 -10.42
C GLY A 316 -33.38 -5.42 -10.69
N GLY A 317 -33.00 -6.13 -9.63
CA GLY A 317 -32.60 -7.52 -9.78
C GLY A 317 -32.33 -8.25 -8.47
N GLY A 318 -31.67 -9.40 -8.58
CA GLY A 318 -31.43 -10.24 -7.43
C GLY A 318 -31.12 -11.69 -7.77
N ARG A 319 -30.86 -12.47 -6.72
CA ARG A 319 -30.59 -13.90 -6.86
C ARG A 319 -31.91 -14.68 -6.83
N TYR A 320 -32.02 -15.66 -7.72
CA TYR A 320 -33.18 -16.52 -7.78
C TYR A 320 -32.76 -17.99 -7.99
N ASP A 321 -32.35 -18.64 -6.90
CA ASP A 321 -31.73 -19.96 -6.94
C ASP A 321 -32.69 -21.13 -7.10
N ASN A 322 -33.98 -20.87 -6.91
CA ASN A 322 -35.00 -21.92 -6.96
C ASN A 322 -35.83 -21.95 -8.25
N LEU A 323 -35.74 -20.91 -9.08
CA LEU A 323 -36.60 -20.83 -10.27
C LEU A 323 -36.50 -22.06 -11.17
N LEU A 324 -35.28 -22.45 -11.52
CA LEU A 324 -35.10 -23.58 -12.43
C LEU A 324 -35.63 -24.87 -11.80
N THR A 325 -35.49 -25.00 -10.48
CA THR A 325 -36.07 -26.14 -9.77
C THR A 325 -37.60 -26.16 -9.91
N THR A 326 -38.25 -24.99 -9.80
CA THR A 326 -39.72 -24.93 -9.97
C THR A 326 -40.14 -25.29 -11.38
N TYR A 327 -39.29 -24.96 -12.36
CA TYR A 327 -39.54 -25.31 -13.76
C TYR A 327 -39.28 -26.78 -14.07
N GLY A 328 -38.79 -27.55 -13.10
CA GLY A 328 -38.61 -28.98 -13.27
C GLY A 328 -37.16 -29.44 -13.47
N SER A 329 -36.19 -28.54 -13.32
CA SER A 329 -34.79 -28.95 -13.41
C SER A 329 -34.52 -30.02 -12.37
N PRO A 330 -33.89 -31.14 -12.80
CA PRO A 330 -33.57 -32.20 -11.83
C PRO A 330 -32.49 -31.77 -10.84
N THR A 331 -31.64 -30.81 -11.20
CA THR A 331 -30.67 -30.27 -10.24
C THR A 331 -30.83 -28.74 -10.09
N PRO A 332 -30.62 -28.22 -8.85
CA PRO A 332 -30.75 -26.78 -8.62
C PRO A 332 -29.72 -25.97 -9.40
N ILE A 333 -30.16 -24.89 -10.00
CA ILE A 333 -29.26 -24.06 -10.77
C ILE A 333 -29.31 -22.65 -10.19
N PRO A 334 -28.19 -22.23 -9.57
CA PRO A 334 -28.13 -20.88 -9.04
C PRO A 334 -28.14 -19.86 -10.18
N CYS A 335 -28.90 -18.77 -10.00
CA CYS A 335 -28.97 -17.69 -10.96
C CYS A 335 -29.08 -16.39 -10.20
N ALA A 336 -28.57 -15.33 -10.81
CA ALA A 336 -28.80 -13.97 -10.37
C ALA A 336 -28.83 -13.10 -11.62
N GLY A 337 -29.54 -11.97 -11.54
CA GLY A 337 -29.56 -11.03 -12.65
C GLY A 337 -30.36 -9.78 -12.40
N PHE A 338 -30.45 -8.93 -13.41
CA PHE A 338 -31.24 -7.71 -13.32
C PHE A 338 -31.91 -7.32 -14.63
N GLY A 339 -32.90 -6.43 -14.51
CA GLY A 339 -33.51 -5.76 -15.62
C GLY A 339 -33.24 -4.27 -15.44
N PHE A 340 -33.10 -3.58 -16.56
CA PHE A 340 -32.73 -2.17 -16.59
C PHE A 340 -33.56 -1.59 -17.70
N GLY A 341 -34.62 -0.86 -17.33
CA GLY A 341 -35.58 -0.32 -18.29
C GLY A 341 -35.04 0.84 -19.13
N ASP A 342 -35.73 1.12 -20.24
CA ASP A 342 -35.29 2.15 -21.17
C ASP A 342 -35.97 3.52 -20.97
N CYS A 343 -36.96 3.60 -20.08
CA CYS A 343 -37.77 4.80 -19.98
C CYS A 343 -37.31 5.71 -18.83
N VAL A 344 -37.15 5.16 -17.63
CA VAL A 344 -36.76 5.97 -16.49
C VAL A 344 -35.36 6.56 -16.65
N ILE A 345 -34.40 5.73 -17.09
CA ILE A 345 -33.04 6.21 -17.35
C ILE A 345 -33.00 7.43 -18.28
N VAL A 346 -33.84 7.42 -19.31
CA VAL A 346 -33.84 8.51 -20.28
C VAL A 346 -34.34 9.80 -19.65
N GLU A 347 -35.38 9.70 -18.82
CA GLU A 347 -35.89 10.87 -18.08
C GLU A 347 -34.80 11.45 -17.18
N LEU A 348 -34.07 10.58 -16.50
CA LEU A 348 -33.00 11.01 -15.63
C LEU A 348 -31.90 11.69 -16.43
N LEU A 349 -31.50 11.08 -17.55
CA LEU A 349 -30.48 11.69 -18.40
C LEU A 349 -30.92 13.06 -18.97
N GLN A 350 -32.20 13.18 -19.34
CA GLN A 350 -32.78 14.44 -19.80
C GLN A 350 -32.69 15.48 -18.69
N GLU A 351 -33.07 15.10 -17.46
CA GLU A 351 -32.96 16.01 -16.31
C GLU A 351 -31.52 16.48 -16.11
N LYS A 352 -30.58 15.54 -16.17
CA LYS A 352 -29.17 15.85 -15.91
C LYS A 352 -28.47 16.45 -17.13
N ARG A 353 -29.22 16.69 -18.21
CA ARG A 353 -28.70 17.27 -19.45
C ARG A 353 -27.58 16.44 -20.08
N LEU A 354 -27.78 15.12 -20.09
CA LEU A 354 -26.84 14.19 -20.66
C LEU A 354 -27.36 13.52 -21.92
N LEU A 355 -28.46 14.02 -22.48
CA LEU A 355 -28.99 13.55 -23.75
C LEU A 355 -29.08 14.68 -24.75
N PRO A 356 -27.94 15.30 -25.11
CA PRO A 356 -28.01 16.30 -26.17
C PRO A 356 -28.49 15.63 -27.45
N ASP A 357 -29.14 16.41 -28.31
CA ASP A 357 -29.57 15.90 -29.59
C ASP A 357 -28.34 15.38 -30.32
N ILE A 358 -28.42 14.16 -30.84
CA ILE A 358 -27.35 13.58 -31.62
C ILE A 358 -27.75 13.72 -33.09
N PRO A 359 -27.17 14.70 -33.81
CA PRO A 359 -27.60 14.90 -35.20
C PRO A 359 -26.99 13.88 -36.15
N HIS A 360 -27.73 13.54 -37.19
CA HIS A 360 -27.23 12.62 -38.20
C HIS A 360 -25.91 13.09 -38.82
N VAL A 361 -25.02 12.14 -39.12
CA VAL A 361 -23.76 12.43 -39.79
C VAL A 361 -23.53 11.44 -40.92
N VAL A 362 -22.75 11.87 -41.91
CA VAL A 362 -22.33 11.03 -43.01
C VAL A 362 -21.00 11.62 -43.48
N ASP A 363 -20.06 10.79 -43.88
CA ASP A 363 -18.73 11.31 -44.24
C ASP A 363 -18.77 12.19 -45.48
N ASP A 364 -19.29 11.65 -46.57
CA ASP A 364 -19.30 12.32 -47.88
C ASP A 364 -20.66 12.48 -48.51
N VAL A 365 -20.88 13.61 -49.16
CA VAL A 365 -22.00 13.78 -50.08
C VAL A 365 -21.47 14.11 -51.48
N VAL A 366 -21.69 13.17 -52.40
CA VAL A 366 -21.22 13.26 -53.77
C VAL A 366 -22.26 13.99 -54.57
N ILE A 367 -21.83 15.05 -55.24
CA ILE A 367 -22.70 15.94 -55.97
C ILE A 367 -22.33 15.94 -57.44
N PRO A 368 -23.21 15.38 -58.29
CA PRO A 368 -23.00 15.53 -59.73
C PRO A 368 -23.23 16.98 -60.17
N PHE A 369 -22.31 17.54 -60.95
CA PHE A 369 -22.49 18.90 -61.43
C PHE A 369 -23.77 19.04 -62.25
N ASP A 370 -24.09 17.99 -62.99
CA ASP A 370 -25.35 17.89 -63.73
C ASP A 370 -25.54 16.41 -64.02
N GLU A 371 -26.64 16.05 -64.70
CA GLU A 371 -26.98 14.64 -64.94
C GLU A 371 -25.98 13.91 -65.82
N SER A 372 -25.33 14.63 -66.72
CA SER A 372 -24.30 14.03 -67.57
C SER A 372 -23.11 13.53 -66.75
N MET A 373 -22.96 14.05 -65.52
CA MET A 373 -21.89 13.62 -64.62
C MET A 373 -22.31 12.50 -63.67
N ARG A 374 -23.57 12.09 -63.71
CA ARG A 374 -24.08 11.08 -62.78
C ARG A 374 -23.30 9.75 -62.83
N PRO A 375 -23.01 9.23 -64.05
CA PRO A 375 -22.25 7.98 -64.12
C PRO A 375 -20.87 8.06 -63.45
N HIS A 376 -20.16 9.15 -63.72
CA HIS A 376 -18.86 9.37 -63.11
C HIS A 376 -19.00 9.53 -61.59
N ALA A 377 -20.02 10.27 -61.15
CA ALA A 377 -20.29 10.45 -59.72
C ALA A 377 -20.53 9.12 -58.98
N LEU A 378 -21.14 8.19 -59.68
CA LEU A 378 -21.43 6.90 -59.11
C LEU A 378 -20.14 6.10 -58.93
N ALA A 379 -19.23 6.18 -59.89
CA ALA A 379 -17.91 5.56 -59.75
C ALA A 379 -17.16 6.12 -58.54
N VAL A 380 -17.25 7.42 -58.33
CA VAL A 380 -16.65 8.07 -57.17
C VAL A 380 -17.30 7.57 -55.86
N LEU A 381 -18.63 7.57 -55.82
CA LEU A 381 -19.40 7.03 -54.70
C LEU A 381 -18.98 5.62 -54.35
N ARG A 382 -18.90 4.76 -55.36
CA ARG A 382 -18.41 3.40 -55.18
C ARG A 382 -17.08 3.38 -54.42
N ARG A 383 -16.10 4.15 -54.92
CA ARG A 383 -14.77 4.20 -54.31
C ARG A 383 -14.83 4.57 -52.84
N LEU A 384 -15.58 5.64 -52.54
CA LEU A 384 -15.71 6.12 -51.17
C LEU A 384 -16.25 5.04 -50.24
N ARG A 385 -17.30 4.36 -50.71
CA ARG A 385 -17.90 3.30 -49.92
C ARG A 385 -16.99 2.08 -49.81
N ASP A 386 -16.25 1.75 -50.86
CA ASP A 386 -15.26 0.65 -50.79
C ASP A 386 -14.21 0.87 -49.69
N ALA A 387 -13.90 2.13 -49.40
CA ALA A 387 -12.88 2.46 -48.40
C ALA A 387 -13.40 2.59 -46.97
N GLY A 388 -14.69 2.28 -46.77
CA GLY A 388 -15.29 2.25 -45.44
C GLY A 388 -15.97 3.56 -45.04
N ARG A 389 -16.15 4.46 -45.99
CA ARG A 389 -16.78 5.74 -45.68
C ARG A 389 -18.27 5.66 -45.90
N SER A 390 -19.02 6.39 -45.08
CA SER A 390 -20.46 6.56 -45.29
C SER A 390 -20.62 7.70 -46.30
N ALA A 391 -21.38 7.47 -47.36
CA ALA A 391 -21.52 8.45 -48.42
C ALA A 391 -22.86 8.39 -49.07
N ASP A 392 -23.41 9.58 -49.34
CA ASP A 392 -24.57 9.74 -50.17
C ASP A 392 -24.17 10.24 -51.54
N ILE A 393 -25.05 10.01 -52.51
CA ILE A 393 -25.05 10.77 -53.76
C ILE A 393 -26.39 11.48 -53.86
N ILE A 394 -26.40 12.70 -54.39
CA ILE A 394 -27.63 13.41 -54.60
C ILE A 394 -28.44 12.62 -55.63
N LEU A 395 -29.64 12.20 -55.26
CA LEU A 395 -30.40 11.26 -56.08
C LEU A 395 -31.25 11.92 -57.16
N ASP A 396 -31.97 12.99 -56.82
CA ASP A 396 -32.77 13.71 -57.83
C ASP A 396 -31.95 14.83 -58.49
N LYS A 397 -32.60 15.56 -59.38
CA LYS A 397 -32.00 16.66 -60.10
C LYS A 397 -31.99 17.89 -59.17
N LYS A 398 -30.80 18.36 -58.80
CA LYS A 398 -30.69 19.58 -57.99
C LYS A 398 -29.59 20.49 -58.52
N LYS A 399 -29.78 21.80 -58.35
CA LYS A 399 -28.69 22.74 -58.59
C LYS A 399 -27.67 22.60 -57.48
N VAL A 400 -26.40 22.84 -57.82
CA VAL A 400 -25.26 22.61 -56.93
C VAL A 400 -25.47 23.20 -55.53
N VAL A 401 -25.79 24.48 -55.45
CA VAL A 401 -25.96 25.13 -54.16
C VAL A 401 -27.03 24.45 -53.29
N GLN A 402 -28.12 23.96 -53.92
CA GLN A 402 -29.13 23.19 -53.18
C GLN A 402 -28.60 21.83 -52.73
N ALA A 403 -27.76 21.22 -53.55
CA ALA A 403 -27.11 19.96 -53.16
C ALA A 403 -26.23 20.21 -51.93
N PHE A 404 -25.52 21.35 -51.91
CA PHE A 404 -24.65 21.75 -50.79
C PHE A 404 -25.43 21.98 -49.50
N ASN A 405 -26.57 22.65 -49.63
CA ASN A 405 -27.46 22.83 -48.49
C ASN A 405 -27.92 21.49 -47.93
N TYR A 406 -28.27 20.58 -48.84
CA TYR A 406 -28.69 19.25 -48.45
C TYR A 406 -27.60 18.52 -47.66
N ALA A 407 -26.37 18.61 -48.16
CA ALA A 407 -25.21 18.05 -47.48
C ALA A 407 -25.13 18.55 -46.04
N ASP A 408 -25.29 19.85 -45.86
CA ASP A 408 -25.26 20.42 -44.52
C ASP A 408 -26.39 19.88 -43.64
N ARG A 409 -27.60 19.74 -44.19
CA ARG A 409 -28.75 19.22 -43.44
C ARG A 409 -28.53 17.79 -42.94
N VAL A 410 -27.91 16.95 -43.75
CA VAL A 410 -27.63 15.57 -43.35
C VAL A 410 -26.35 15.43 -42.52
N GLY A 411 -25.65 16.55 -42.29
CA GLY A 411 -24.48 16.56 -41.43
C GLY A 411 -23.26 15.90 -42.07
N ALA A 412 -23.11 16.13 -43.38
CA ALA A 412 -21.95 15.63 -44.11
C ALA A 412 -20.70 16.35 -43.64
N VAL A 413 -19.62 15.60 -43.46
CA VAL A 413 -18.34 16.18 -43.09
C VAL A 413 -17.71 16.83 -44.32
N ARG A 414 -18.05 16.31 -45.50
CA ARG A 414 -17.37 16.66 -46.72
C ARG A 414 -18.31 16.60 -47.92
N ALA A 415 -18.23 17.60 -48.79
CA ALA A 415 -18.95 17.59 -50.05
C ALA A 415 -17.97 17.32 -51.19
N VAL A 416 -18.35 16.42 -52.09
CA VAL A 416 -17.53 16.01 -53.21
C VAL A 416 -18.25 16.31 -54.53
N LEU A 417 -17.90 17.43 -55.16
CA LEU A 417 -18.51 17.84 -56.42
C LEU A 417 -17.76 17.21 -57.59
N VAL A 418 -18.50 16.50 -58.43
CA VAL A 418 -17.95 15.84 -59.61
C VAL A 418 -18.39 16.63 -60.85
N ALA A 419 -17.48 17.47 -61.34
CA ALA A 419 -17.74 18.40 -62.42
C ALA A 419 -16.85 18.09 -63.64
N PRO A 420 -17.35 18.37 -64.86
CA PRO A 420 -16.66 17.94 -66.08
C PRO A 420 -15.20 18.41 -66.21
N GLU A 421 -14.93 19.67 -65.88
CA GLU A 421 -13.56 20.21 -65.98
C GLU A 421 -12.56 19.44 -65.12
N GLU A 422 -12.89 19.23 -63.86
CA GLU A 422 -12.00 18.51 -62.94
C GLU A 422 -11.84 17.04 -63.36
N TRP A 423 -12.94 16.45 -63.83
CA TRP A 423 -12.96 15.06 -64.24
C TRP A 423 -11.98 14.74 -65.37
N GLU A 424 -11.81 15.67 -66.32
CA GLU A 424 -10.84 15.51 -67.41
C GLU A 424 -9.39 15.53 -66.89
N ARG A 425 -9.16 16.16 -65.75
CA ARG A 425 -7.85 16.18 -65.10
C ARG A 425 -7.68 15.01 -64.12
N GLY A 426 -8.66 14.11 -64.08
CA GLY A 426 -8.67 13.00 -63.12
C GLY A 426 -8.87 13.48 -61.69
N GLU A 427 -9.75 14.46 -61.52
CA GLU A 427 -9.96 15.10 -60.21
C GLU A 427 -11.43 15.34 -59.91
N VAL A 428 -11.70 15.68 -58.65
CA VAL A 428 -12.98 16.19 -58.22
C VAL A 428 -12.75 17.41 -57.34
N GLN A 429 -13.81 18.15 -57.04
CA GLN A 429 -13.73 19.26 -56.09
C GLN A 429 -14.21 18.77 -54.73
N VAL A 430 -13.44 19.07 -53.70
CA VAL A 430 -13.79 18.73 -52.33
C VAL A 430 -13.94 19.99 -51.49
N LYS A 431 -14.97 20.00 -50.64
CA LYS A 431 -15.20 21.10 -49.70
C LYS A 431 -15.55 20.55 -48.32
N MET A 432 -14.85 21.01 -47.30
CA MET A 432 -15.08 20.58 -45.92
C MET A 432 -16.17 21.44 -45.29
N LEU A 433 -17.16 20.80 -44.65
CA LEU A 433 -18.34 21.52 -44.15
C LEU A 433 -18.34 21.80 -42.65
N ARG A 446 -13.63 27.64 -49.09
CA ARG A 446 -13.50 27.42 -50.52
C ARG A 446 -13.13 25.96 -50.79
N GLY A 447 -13.46 25.47 -51.99
CA GLY A 447 -13.19 24.08 -52.36
C GLY A 447 -11.77 23.85 -52.87
N PHE A 448 -11.38 22.59 -53.00
CA PHE A 448 -10.06 22.21 -53.49
C PHE A 448 -10.20 21.10 -54.52
N ALA A 449 -9.34 21.11 -55.54
CA ALA A 449 -9.31 20.05 -56.52
C ALA A 449 -8.45 18.91 -56.00
N VAL A 450 -8.94 17.68 -56.10
CA VAL A 450 -8.29 16.52 -55.50
C VAL A 450 -8.24 15.35 -56.49
N PRO A 451 -7.06 14.68 -56.61
CA PRO A 451 -7.02 13.49 -57.46
C PRO A 451 -7.91 12.38 -56.91
N LEU A 452 -8.54 11.63 -57.80
CA LEU A 452 -9.44 10.54 -57.38
C LEU A 452 -8.78 9.57 -56.40
N ASP A 453 -7.55 9.17 -56.71
CA ASP A 453 -6.80 8.23 -55.86
C ASP A 453 -6.62 8.72 -54.42
N ARG A 454 -6.59 10.03 -54.21
CA ARG A 454 -6.32 10.61 -52.90
C ARG A 454 -7.57 10.89 -52.05
N LEU A 455 -8.75 10.56 -52.54
CA LEU A 455 -10.00 10.83 -51.81
C LEU A 455 -10.16 10.01 -50.54
N VAL A 456 -9.47 8.87 -50.47
CA VAL A 456 -9.70 7.89 -49.42
C VAL A 456 -8.43 7.57 -48.64
N MET B 26 6.94 15.04 -5.66
CA MET B 26 8.32 14.85 -5.13
C MET B 26 8.37 13.74 -4.07
N VAL B 27 9.41 12.91 -4.11
CA VAL B 27 9.60 11.85 -3.10
C VAL B 27 9.97 12.46 -1.74
N GLU B 28 9.90 11.64 -0.70
CA GLU B 28 10.27 12.10 0.63
C GLU B 28 11.80 12.21 0.74
N THR B 29 12.28 13.42 0.98
CA THR B 29 13.71 13.68 1.11
C THR B 29 14.25 13.33 2.49
N GLU B 30 13.38 13.36 3.51
CA GLU B 30 13.81 13.03 4.86
C GLU B 30 14.04 11.52 4.96
N PRO B 31 15.06 11.11 5.73
CA PRO B 31 15.24 9.69 5.96
C PRO B 31 14.08 9.09 6.77
N VAL B 32 14.04 7.78 6.80
CA VAL B 32 13.08 7.06 7.63
C VAL B 32 13.19 7.51 9.09
N GLN B 33 12.04 7.52 9.75
CA GLN B 33 11.90 7.93 11.14
C GLN B 33 13.03 7.43 12.05
N GLY B 34 13.71 8.37 12.71
CA GLY B 34 14.73 8.05 13.69
C GLY B 34 16.09 7.61 13.15
N CYS B 35 16.30 7.79 11.84
CA CYS B 35 17.54 7.38 11.21
C CYS B 35 18.27 8.58 10.65
N ARG B 36 19.60 8.49 10.57
CA ARG B 36 20.43 9.60 10.10
C ARG B 36 21.00 9.40 8.70
N ASP B 37 21.00 10.49 7.93
CA ASP B 37 21.74 10.60 6.70
C ASP B 37 23.16 11.10 6.99
N PHE B 38 24.11 10.69 6.17
CA PHE B 38 25.50 11.17 6.30
C PHE B 38 26.03 11.70 4.97
N PRO B 39 25.59 12.90 4.58
CA PRO B 39 26.24 13.52 3.42
C PRO B 39 27.69 13.79 3.76
N PRO B 40 28.52 14.14 2.77
CA PRO B 40 29.98 14.17 2.98
C PRO B 40 30.45 14.94 4.22
N GLU B 41 29.91 16.13 4.45
CA GLU B 41 30.25 16.92 5.65
C GLU B 41 30.04 16.11 6.94
N ALA B 42 28.85 15.54 7.10
CA ALA B 42 28.55 14.75 8.29
C ALA B 42 29.41 13.48 8.30
N MET B 43 29.55 12.84 7.14
CA MET B 43 30.38 11.64 7.04
C MET B 43 31.83 11.89 7.45
N ARG B 44 32.39 13.07 7.16
CA ARG B 44 33.78 13.36 7.56
C ARG B 44 33.94 13.34 9.09
N CYS B 45 32.90 13.78 9.79
CA CYS B 45 32.84 13.78 11.26
CA CYS B 45 32.90 13.79 11.24
C CYS B 45 32.79 12.34 11.78
N ARG B 46 31.88 11.56 11.23
CA ARG B 46 31.75 10.15 11.59
C ARG B 46 33.06 9.40 11.35
N ARG B 47 33.72 9.72 10.25
CA ARG B 47 34.97 9.08 9.86
C ARG B 47 36.12 9.47 10.79
N HIS B 48 36.14 10.73 11.22
CA HIS B 48 37.09 11.16 12.23
C HIS B 48 36.92 10.33 13.52
N LEU B 49 35.68 10.07 13.89
CA LEU B 49 35.40 9.27 15.06
C LEU B 49 35.87 7.83 14.86
N PHE B 50 35.44 7.22 13.77
CA PHE B 50 35.76 5.83 13.49
C PHE B 50 37.28 5.62 13.32
N ASP B 51 37.96 6.58 12.71
CA ASP B 51 39.41 6.47 12.59
C ASP B 51 40.04 6.21 13.95
N VAL B 52 39.59 6.95 14.97
CA VAL B 52 40.05 6.76 16.33
C VAL B 52 39.70 5.38 16.88
N PHE B 53 38.47 4.91 16.65
CA PHE B 53 38.07 3.58 17.12
C PHE B 53 38.95 2.50 16.48
N HIS B 54 39.14 2.56 15.17
CA HIS B 54 40.01 1.61 14.49
C HIS B 54 41.45 1.73 14.97
N ALA B 55 41.94 2.95 15.09
CA ALA B 55 43.35 3.16 15.44
C ALA B 55 43.60 2.71 16.88
N THR B 56 42.61 2.91 17.75
CA THR B 56 42.75 2.48 19.14
C THR B 56 42.75 0.95 19.23
N ALA B 57 41.87 0.32 18.45
CA ALA B 57 41.81 -1.13 18.41
C ALA B 57 43.15 -1.71 17.94
N LYS B 58 43.73 -1.09 16.92
CA LYS B 58 44.99 -1.56 16.38
C LYS B 58 46.12 -1.36 17.39
N THR B 59 46.14 -0.20 18.03
CA THR B 59 47.12 0.08 19.07
C THR B 59 47.05 -1.00 20.18
N PHE B 60 45.83 -1.43 20.50
CA PHE B 60 45.62 -2.37 21.61
C PHE B 60 45.65 -3.85 21.17
N GLY B 61 45.84 -4.09 19.88
CA GLY B 61 45.95 -5.43 19.34
C GLY B 61 44.64 -6.20 19.14
N PHE B 62 43.52 -5.50 18.99
CA PHE B 62 42.24 -6.18 18.79
C PHE B 62 42.03 -6.45 17.30
N GLU B 63 41.27 -7.48 16.98
CA GLU B 63 41.03 -7.89 15.60
C GLU B 63 39.62 -7.57 15.19
N GLU B 64 39.46 -7.05 13.98
CA GLU B 64 38.15 -6.69 13.52
C GLU B 64 37.30 -7.91 13.13
N TYR B 65 36.01 -7.82 13.41
CA TYR B 65 35.03 -8.82 12.95
C TYR B 65 33.74 -8.11 12.60
N ASP B 66 32.83 -8.84 11.98
CA ASP B 66 31.50 -8.33 11.70
C ASP B 66 30.55 -9.51 11.60
N ALA B 67 29.26 -9.19 11.67
CA ALA B 67 28.20 -10.17 11.55
C ALA B 67 26.94 -9.45 11.03
N PRO B 68 25.92 -10.20 10.62
CA PRO B 68 24.78 -9.55 10.00
C PRO B 68 24.00 -8.69 10.98
N VAL B 69 23.54 -7.54 10.51
CA VAL B 69 22.67 -6.67 11.29
C VAL B 69 21.34 -7.38 11.63
N LEU B 70 20.95 -8.31 10.76
CA LEU B 70 19.78 -9.15 10.97
C LEU B 70 20.13 -10.44 11.71
N GLU B 71 19.55 -10.64 12.90
CA GLU B 71 19.77 -11.84 13.69
C GLU B 71 18.42 -12.44 14.05
N SER B 72 18.45 -13.69 14.50
CA SER B 72 17.26 -14.35 15.00
C SER B 72 16.83 -13.69 16.31
N GLU B 73 15.53 -13.50 16.47
CA GLU B 73 14.98 -12.89 17.68
C GLU B 73 15.26 -13.72 18.94
N GLU B 74 15.23 -15.05 18.81
CA GLU B 74 15.58 -15.98 19.90
C GLU B 74 16.92 -15.63 20.57
N LEU B 75 17.81 -15.01 19.82
CA LEU B 75 19.11 -14.61 20.34
C LEU B 75 19.02 -13.57 21.47
N TYR B 76 17.95 -12.76 21.47
CA TYR B 76 17.80 -11.67 22.45
C TYR B 76 16.75 -11.88 23.57
N ILE B 77 16.14 -13.06 23.66
CA ILE B 77 15.10 -13.31 24.65
C ILE B 77 15.71 -13.77 25.98
N ARG B 78 15.97 -12.82 26.89
CA ARG B 78 16.68 -13.10 28.15
C ARG B 78 15.81 -13.07 29.40
N LYS B 79 14.65 -12.43 29.30
CA LYS B 79 13.61 -12.50 30.34
C LYS B 79 13.98 -11.86 31.69
N ALA B 80 14.78 -10.80 31.63
CA ALA B 80 15.15 -10.04 32.82
C ALA B 80 14.61 -8.62 32.80
N GLY B 81 13.71 -8.31 31.86
CA GLY B 81 13.10 -7.00 31.76
C GLY B 81 14.04 -5.90 31.31
N GLU B 82 15.10 -6.27 30.60
CA GLU B 82 16.08 -5.29 30.13
C GLU B 82 15.44 -4.32 29.16
N GLU B 83 15.90 -3.07 29.20
CA GLU B 83 15.43 -2.05 28.28
C GLU B 83 15.74 -2.45 26.85
N ILE B 84 16.90 -3.08 26.69
CA ILE B 84 17.37 -3.50 25.40
C ILE B 84 16.46 -4.56 24.74
N THR B 85 15.89 -5.46 25.53
CA THR B 85 14.95 -6.45 25.01
C THR B 85 13.55 -5.87 24.86
N GLU B 86 13.19 -4.95 25.74
CA GLU B 86 11.91 -4.24 25.66
C GLU B 86 11.76 -3.40 24.38
N GLN B 87 12.86 -2.95 23.78
CA GLN B 87 12.79 -2.02 22.66
C GLN B 87 13.39 -2.59 21.38
N MET B 88 13.21 -3.90 21.19
CA MET B 88 13.71 -4.60 20.00
C MET B 88 13.01 -4.14 18.73
N PHE B 89 13.82 -3.86 17.70
CA PHE B 89 13.31 -3.61 16.36
C PHE B 89 13.20 -4.96 15.68
N ASN B 90 12.03 -5.60 15.82
CA ASN B 90 11.81 -6.94 15.30
C ASN B 90 10.69 -7.04 14.26
N PHE B 91 10.73 -8.09 13.45
CA PHE B 91 9.69 -8.34 12.46
C PHE B 91 9.68 -9.80 11.99
N ILE B 92 8.66 -10.18 11.24
CA ILE B 92 8.47 -11.55 10.78
C ILE B 92 8.72 -11.64 9.27
N THR B 93 9.63 -12.52 8.87
CA THR B 93 9.96 -12.72 7.45
C THR B 93 8.75 -13.26 6.68
N LYS B 94 8.81 -13.21 5.35
CA LYS B 94 7.79 -13.83 4.51
C LYS B 94 7.70 -15.32 4.79
N GLY B 95 8.85 -15.93 5.09
CA GLY B 95 8.92 -17.34 5.48
C GLY B 95 8.40 -17.64 6.88
N GLY B 96 8.19 -16.60 7.69
CA GLY B 96 7.57 -16.75 9.00
C GLY B 96 8.54 -16.87 10.16
N HIS B 97 9.80 -16.49 9.95
CA HIS B 97 10.81 -16.57 10.99
C HIS B 97 10.94 -15.26 11.76
N ARG B 98 11.09 -15.38 13.08
CA ARG B 98 11.20 -14.22 13.96
C ARG B 98 12.63 -13.70 13.89
N VAL B 99 12.82 -12.54 13.27
CA VAL B 99 14.14 -11.88 13.20
C VAL B 99 14.12 -10.49 13.82
N ALA B 100 15.31 -9.93 14.01
CA ALA B 100 15.44 -8.57 14.53
C ALA B 100 16.69 -7.91 14.01
N LEU B 101 16.61 -6.59 13.84
CA LEU B 101 17.81 -5.77 13.66
C LEU B 101 18.43 -5.70 15.04
N ARG B 102 19.69 -6.07 15.11
CA ARG B 102 20.37 -6.23 16.38
C ARG B 102 20.26 -4.97 17.23
N PRO B 103 19.83 -5.11 18.50
CA PRO B 103 19.90 -3.99 19.43
C PRO B 103 21.27 -3.77 20.04
N GLU B 104 22.11 -4.81 20.02
CA GLU B 104 23.46 -4.76 20.55
C GLU B 104 24.28 -5.78 19.79
N MET B 105 25.59 -5.83 20.03
CA MET B 105 26.47 -6.75 19.31
C MET B 105 26.89 -7.98 20.12
N THR B 106 26.83 -7.90 21.44
CA THR B 106 27.42 -8.96 22.26
C THR B 106 26.86 -10.37 21.97
N PRO B 107 25.54 -10.50 21.77
CA PRO B 107 25.01 -11.83 21.43
C PRO B 107 25.54 -12.38 20.11
N SER B 108 25.68 -11.52 19.10
CA SER B 108 26.27 -11.92 17.84
C SER B 108 27.72 -12.40 18.06
N LEU B 109 28.49 -11.66 18.85
CA LEU B 109 29.83 -12.08 19.20
C LEU B 109 29.84 -13.48 19.84
N ALA B 110 28.96 -13.67 20.81
CA ALA B 110 28.85 -14.95 21.49
C ALA B 110 28.49 -16.09 20.52
N ARG B 111 27.58 -15.82 19.58
CA ARG B 111 27.18 -16.80 18.57
C ARG B 111 28.39 -17.23 17.74
N LEU B 112 29.17 -16.24 17.27
CA LEU B 112 30.38 -16.54 16.53
C LEU B 112 31.36 -17.34 17.37
N LEU B 113 31.55 -16.94 18.63
CA LEU B 113 32.50 -17.64 19.51
C LEU B 113 32.06 -19.08 19.74
N LEU B 114 30.76 -19.27 19.96
CA LEU B 114 30.19 -20.59 20.17
C LEU B 114 30.29 -21.44 18.90
N GLY B 115 30.16 -20.81 17.74
CA GLY B 115 30.31 -21.52 16.45
C GLY B 115 31.71 -22.11 16.29
N LYS B 116 32.75 -21.32 16.58
CA LYS B 116 34.13 -21.79 16.45
C LYS B 116 34.48 -22.86 17.47
N GLY B 117 33.91 -22.76 18.67
CA GLY B 117 34.13 -23.77 19.70
C GLY B 117 35.60 -23.95 20.03
N ARG B 118 36.05 -25.20 19.94
CA ARG B 118 37.43 -25.58 20.30
C ARG B 118 38.50 -24.98 19.40
N SER B 119 38.14 -24.70 18.16
CA SER B 119 39.11 -24.19 17.19
C SER B 119 39.49 -22.71 17.38
N LEU B 120 38.85 -21.98 18.30
CA LEU B 120 39.23 -20.59 18.55
C LEU B 120 40.42 -20.52 19.50
N LEU B 121 41.50 -19.88 19.05
CA LEU B 121 42.66 -19.68 19.91
C LEU B 121 42.31 -18.57 20.92
N LEU B 122 42.57 -18.85 22.19
CA LEU B 122 42.32 -17.93 23.27
C LEU B 122 43.66 -17.62 23.92
N PRO B 123 43.86 -16.39 24.38
CA PRO B 123 42.85 -15.33 24.39
C PRO B 123 42.58 -14.71 23.02
N ALA B 124 41.36 -14.21 22.85
CA ALA B 124 40.98 -13.49 21.67
C ALA B 124 40.52 -12.07 22.04
N LYS B 125 40.91 -11.10 21.22
CA LYS B 125 40.53 -9.72 21.39
C LYS B 125 39.89 -9.25 20.09
N TRP B 126 38.58 -9.09 20.11
CA TRP B 126 37.81 -8.83 18.90
C TRP B 126 37.06 -7.53 19.02
N TYR B 127 37.00 -6.76 17.92
CA TYR B 127 36.27 -5.52 17.91
C TYR B 127 35.44 -5.34 16.65
N SER B 128 34.48 -4.43 16.72
CA SER B 128 33.65 -4.08 15.57
CA SER B 128 33.63 -4.09 15.58
C SER B 128 32.96 -2.74 15.81
N ILE B 129 32.41 -2.15 14.76
CA ILE B 129 31.69 -0.88 14.87
C ILE B 129 30.30 -1.04 14.21
N PRO B 130 29.45 -1.93 14.75
CA PRO B 130 28.13 -2.17 14.16
C PRO B 130 27.16 -1.03 14.35
N GLN B 131 26.32 -0.80 13.35
CA GLN B 131 25.11 -0.06 13.56
C GLN B 131 24.17 -0.95 14.36
N CYS B 132 23.57 -0.42 15.43
CA CYS B 132 22.59 -1.16 16.21
C CYS B 132 21.28 -0.40 16.29
N TRP B 133 20.21 -1.13 16.57
CA TRP B 133 18.85 -0.67 16.32
C TRP B 133 17.89 -0.83 17.51
N ARG B 134 16.89 0.04 17.54
CA ARG B 134 15.79 -0.07 18.50
C ARG B 134 14.53 0.54 17.92
N TYR B 135 13.39 0.09 18.44
CA TYR B 135 12.11 0.66 18.10
C TYR B 135 11.54 1.34 19.34
N GLU B 136 11.02 2.55 19.15
CA GLU B 136 10.36 3.29 20.21
C GLU B 136 9.17 4.06 19.66
N ALA B 137 8.02 3.96 20.33
CA ALA B 137 6.83 4.71 19.93
C ALA B 137 6.93 6.16 20.40
N ILE B 138 7.71 6.95 19.66
CA ILE B 138 7.82 8.40 19.86
C ILE B 138 7.11 9.09 18.68
N THR B 139 7.44 10.35 18.43
CA THR B 139 6.93 11.04 17.24
C THR B 139 7.51 10.44 15.95
N ARG B 142 13.96 9.09 20.68
CA ARG B 142 13.45 9.28 19.33
C ARG B 142 14.42 8.73 18.27
N ARG B 143 15.72 8.67 18.58
CA ARG B 143 16.69 7.98 17.71
C ARG B 143 16.43 6.47 17.69
N ARG B 144 16.41 5.88 16.50
CA ARG B 144 16.27 4.44 16.35
C ARG B 144 17.53 3.66 15.93
N GLU B 145 18.59 4.36 15.56
CA GLU B 145 19.84 3.69 15.27
C GLU B 145 21.02 4.49 15.78
N HIS B 146 22.07 3.77 16.13
CA HIS B 146 23.37 4.36 16.44
C HIS B 146 24.45 3.39 16.04
N TYR B 147 25.67 3.90 15.89
CA TYR B 147 26.83 3.04 15.70
C TYR B 147 27.46 2.88 17.06
N GLN B 148 27.99 1.69 17.31
CA GLN B 148 28.53 1.37 18.60
C GLN B 148 29.82 0.57 18.46
N TRP B 149 30.92 1.19 18.88
CA TRP B 149 32.21 0.53 18.92
C TRP B 149 32.13 -0.57 19.96
N ASN B 150 32.37 -1.81 19.57
CA ASN B 150 32.46 -2.89 20.55
C ASN B 150 33.88 -3.40 20.64
N MET B 151 34.35 -3.60 21.86
CA MET B 151 35.65 -4.18 22.12
C MET B 151 35.42 -5.28 23.15
N ASP B 152 35.91 -6.50 22.89
CA ASP B 152 35.74 -7.60 23.84
C ASP B 152 36.99 -8.44 23.91
N ILE B 153 37.30 -8.88 25.14
CA ILE B 153 38.37 -9.83 25.40
C ILE B 153 37.79 -11.16 25.88
N VAL B 154 38.17 -12.24 25.20
CA VAL B 154 37.60 -13.55 25.42
C VAL B 154 38.68 -14.51 25.91
N GLY B 155 38.41 -15.22 27.00
CA GLY B 155 39.33 -16.26 27.50
C GLY B 155 40.34 -15.81 28.55
N VAL B 156 40.11 -14.65 29.14
CA VAL B 156 40.96 -14.13 30.19
C VAL B 156 40.14 -14.03 31.48
N LYS B 157 40.54 -14.83 32.47
CA LYS B 157 39.83 -14.89 33.75
C LYS B 157 40.10 -13.67 34.61
N SER B 158 41.29 -13.09 34.48
CA SER B 158 41.74 -12.07 35.42
C SER B 158 41.37 -10.63 35.00
N VAL B 159 41.44 -9.72 35.98
CA VAL B 159 41.00 -8.33 35.80
C VAL B 159 41.84 -7.54 34.79
N SER B 160 42.99 -8.07 34.41
CA SER B 160 43.79 -7.47 33.36
C SER B 160 42.96 -7.19 32.09
N ALA B 161 41.96 -8.03 31.83
CA ALA B 161 41.05 -7.79 30.72
C ALA B 161 40.32 -6.46 30.87
N GLU B 162 39.63 -6.31 31.99
CA GLU B 162 38.86 -5.11 32.26
C GLU B 162 39.78 -3.89 32.28
N VAL B 163 40.97 -4.06 32.84
CA VAL B 163 41.97 -3.01 32.81
C VAL B 163 42.24 -2.53 31.38
N GLU B 164 42.61 -3.47 30.51
CA GLU B 164 42.91 -3.15 29.13
C GLU B 164 41.72 -2.48 28.42
N LEU B 165 40.51 -2.97 28.69
CA LEU B 165 39.31 -2.43 28.09
C LEU B 165 39.06 -1.00 28.53
N VAL B 166 39.21 -0.75 29.83
CA VAL B 166 38.99 0.61 30.35
C VAL B 166 40.06 1.54 29.82
N CYS B 167 41.30 1.08 29.78
CA CYS B 167 42.36 1.87 29.19
C CYS B 167 42.10 2.16 27.71
N ALA B 168 41.54 1.21 26.97
CA ALA B 168 41.25 1.42 25.54
C ALA B 168 40.22 2.53 25.38
N ALA B 169 39.15 2.48 26.14
CA ALA B 169 38.14 3.54 26.13
C ALA B 169 38.73 4.92 26.42
N CYS B 170 39.56 5.01 27.44
CA CYS B 170 40.19 6.27 27.80
C CYS B 170 41.07 6.75 26.66
N TRP B 171 41.88 5.84 26.13
CA TRP B 171 42.78 6.09 24.98
C TRP B 171 42.03 6.69 23.80
N ALA B 172 40.87 6.12 23.49
CA ALA B 172 40.04 6.66 22.42
C ALA B 172 39.62 8.09 22.74
N MET B 173 39.12 8.30 23.96
CA MET B 173 38.69 9.63 24.35
C MET B 173 39.83 10.63 24.34
N ARG B 174 40.99 10.23 24.84
CA ARG B 174 42.17 11.11 24.81
C ARG B 174 42.58 11.41 23.37
N SER B 175 42.48 10.40 22.50
CA SER B 175 42.82 10.55 21.08
C SER B 175 41.96 11.62 20.40
N LEU B 176 40.69 11.70 20.81
CA LEU B 176 39.75 12.72 20.32
C LEU B 176 39.95 14.14 20.92
N GLY B 177 40.90 14.29 21.84
CA GLY B 177 41.23 15.58 22.42
C GLY B 177 40.71 15.79 23.83
N LEU B 178 39.98 14.82 24.37
CA LEU B 178 39.48 14.93 25.73
C LEU B 178 40.58 14.62 26.77
N SER B 179 40.43 15.20 27.96
CA SER B 179 41.35 14.92 29.06
C SER B 179 40.60 14.35 30.28
N SER B 180 41.35 14.01 31.32
CA SER B 180 40.75 13.46 32.54
C SER B 180 40.03 14.54 33.34
N LYS B 181 40.24 15.80 32.98
CA LYS B 181 39.41 16.90 33.47
C LYS B 181 38.03 16.87 32.81
N ASP B 182 37.95 16.34 31.59
CA ASP B 182 36.67 16.30 30.87
C ASP B 182 35.82 15.08 31.19
N VAL B 183 36.45 13.92 31.31
CA VAL B 183 35.72 12.66 31.45
C VAL B 183 36.37 11.76 32.49
N GLY B 184 35.63 10.72 32.87
CA GLY B 184 36.16 9.63 33.68
C GLY B 184 35.43 8.34 33.40
N ILE B 185 35.88 7.26 34.04
CA ILE B 185 35.22 5.96 34.02
C ILE B 185 34.91 5.55 35.46
N LYS B 186 33.62 5.45 35.79
CA LYS B 186 33.17 4.90 37.07
C LYS B 186 33.25 3.38 37.03
N VAL B 187 33.84 2.77 38.06
CA VAL B 187 34.05 1.31 38.10
C VAL B 187 33.48 0.68 39.37
N ASN B 188 32.91 -0.51 39.22
CA ASN B 188 32.32 -1.24 40.35
C ASN B 188 32.38 -2.72 40.03
N SER B 189 32.03 -3.57 41.00
CA SER B 189 31.86 -5.01 40.76
C SER B 189 30.48 -5.43 41.23
N ARG B 190 29.77 -6.18 40.38
CA ARG B 190 28.46 -6.75 40.74
C ARG B 190 28.54 -7.85 41.81
N LYS B 191 29.74 -8.36 42.05
CA LYS B 191 29.93 -9.40 43.06
C LYS B 191 29.58 -8.95 44.49
N VAL B 192 29.75 -7.65 44.78
CA VAL B 192 29.42 -7.13 46.12
C VAL B 192 27.93 -7.30 46.35
N LEU B 193 27.14 -6.79 45.42
CA LEU B 193 25.69 -6.92 45.48
C LEU B 193 25.21 -8.38 45.42
N GLN B 194 25.91 -9.20 44.64
CA GLN B 194 25.62 -10.63 44.57
C GLN B 194 25.61 -11.26 45.96
N THR B 195 26.68 -11.01 46.71
CA THR B 195 26.83 -11.55 48.06
C THR B 195 25.74 -11.04 49.00
N VAL B 196 25.44 -9.75 48.93
CA VAL B 196 24.42 -9.15 49.78
C VAL B 196 23.06 -9.80 49.51
N VAL B 197 22.71 -9.93 48.24
CA VAL B 197 21.47 -10.56 47.82
C VAL B 197 21.44 -12.06 48.18
N GLU B 198 22.56 -12.73 47.98
CA GLU B 198 22.66 -14.16 48.27
C GLU B 198 22.63 -14.46 49.79
N GLN B 199 23.18 -13.56 50.61
CA GLN B 199 23.12 -13.67 52.08
C GLN B 199 21.69 -13.56 52.59
N ALA B 200 20.85 -12.81 51.86
CA ALA B 200 19.45 -12.63 52.23
C ALA B 200 18.57 -13.83 51.86
N GLY B 201 19.12 -14.81 51.14
CA GLY B 201 18.41 -16.04 50.80
C GLY B 201 17.67 -15.98 49.47
N VAL B 202 18.03 -15.02 48.63
CA VAL B 202 17.38 -14.84 47.35
C VAL B 202 18.00 -15.78 46.32
N THR B 203 17.17 -16.57 45.65
CA THR B 203 17.64 -17.51 44.63
C THR B 203 18.44 -16.79 43.55
N SER B 204 19.46 -17.47 43.04
CA SER B 204 20.40 -16.88 42.09
C SER B 204 19.73 -16.28 40.86
N ASP B 205 18.71 -16.97 40.34
CA ASP B 205 17.95 -16.51 39.17
C ASP B 205 17.35 -15.10 39.32
N LYS B 206 17.13 -14.66 40.56
CA LYS B 206 16.67 -13.29 40.82
C LYS B 206 17.77 -12.22 40.70
N PHE B 207 19.04 -12.61 40.64
CA PHE B 207 20.15 -11.65 40.70
C PHE B 207 20.20 -10.71 39.47
N ALA B 208 20.02 -11.28 38.28
CA ALA B 208 20.02 -10.47 37.05
C ALA B 208 18.88 -9.44 37.05
N PRO B 209 17.63 -9.88 37.31
CA PRO B 209 16.53 -8.92 37.48
C PRO B 209 16.84 -7.80 38.49
N VAL B 210 17.44 -8.15 39.63
CA VAL B 210 17.80 -7.14 40.65
C VAL B 210 18.74 -6.07 40.09
N CYS B 211 19.77 -6.50 39.37
CA CYS B 211 20.69 -5.56 38.73
C CYS B 211 19.97 -4.65 37.73
N VAL B 212 19.11 -5.25 36.90
CA VAL B 212 18.35 -4.51 35.90
C VAL B 212 17.46 -3.45 36.57
N ILE B 213 16.82 -3.82 37.67
CA ILE B 213 15.98 -2.89 38.42
C ILE B 213 16.81 -1.78 39.07
N VAL B 214 17.87 -2.17 39.77
CA VAL B 214 18.71 -1.24 40.53
C VAL B 214 19.48 -0.28 39.63
N ASP B 215 19.74 -0.70 38.39
CA ASP B 215 20.29 0.19 37.37
C ASP B 215 19.40 1.42 37.13
N LYS B 216 18.11 1.29 37.42
CA LYS B 216 17.14 2.36 37.18
C LYS B 216 17.15 3.51 38.22
N MET B 217 18.11 3.51 39.16
CA MET B 217 18.13 4.51 40.26
C MET B 217 18.07 6.00 39.86
N GLU B 218 18.26 6.32 38.59
CA GLU B 218 17.93 7.65 38.08
C GLU B 218 16.97 7.54 36.89
N PRO B 221 13.78 6.60 39.94
CA PRO B 221 12.94 7.15 41.02
C PRO B 221 12.95 6.25 42.26
N ARG B 222 13.57 6.73 43.34
CA ARG B 222 13.93 5.91 44.51
C ARG B 222 12.78 5.07 45.10
N GLU B 223 11.57 5.63 45.08
CA GLU B 223 10.39 4.90 45.57
C GLU B 223 9.98 3.77 44.63
N GLU B 224 9.98 4.05 43.33
CA GLU B 224 9.56 3.08 42.30
C GLU B 224 10.53 1.90 42.16
N VAL B 225 11.83 2.14 42.39
CA VAL B 225 12.83 1.07 42.35
C VAL B 225 12.61 0.09 43.49
N GLU B 226 12.37 0.61 44.69
CA GLU B 226 12.03 -0.21 45.86
C GLU B 226 10.75 -1.02 45.63
N ALA B 227 9.79 -0.44 44.91
CA ALA B 227 8.55 -1.12 44.59
C ALA B 227 8.76 -2.30 43.62
N GLN B 228 9.54 -2.08 42.57
CA GLN B 228 9.87 -3.15 41.61
C GLN B 228 10.61 -4.34 42.25
N LEU B 229 11.50 -4.05 43.21
CA LEU B 229 12.22 -5.09 43.93
C LEU B 229 11.29 -5.96 44.80
N ALA B 230 10.24 -5.35 45.35
CA ALA B 230 9.24 -6.07 46.15
C ALA B 230 8.47 -7.07 45.28
N VAL B 231 8.08 -6.62 44.09
CA VAL B 231 7.40 -7.47 43.10
C VAL B 231 8.28 -8.68 42.74
N LEU B 232 9.59 -8.49 42.75
CA LEU B 232 10.55 -9.56 42.50
C LEU B 232 10.59 -10.56 43.66
N LEU B 234 11.35 -9.74 47.10
CA LEU B 234 12.34 -9.40 48.11
C LEU B 234 11.69 -8.51 49.19
N GLU B 235 11.84 -8.89 50.46
CA GLU B 235 11.25 -8.15 51.59
C GLU B 235 12.02 -6.84 51.87
N PRO B 236 11.43 -5.93 52.66
CA PRO B 236 12.01 -4.60 52.92
C PRO B 236 13.46 -4.55 53.42
N THR B 237 13.84 -5.48 54.29
CA THR B 237 15.19 -5.48 54.88
C THR B 237 16.26 -5.88 53.87
N VAL B 238 15.86 -6.72 52.91
CA VAL B 238 16.73 -7.12 51.79
C VAL B 238 16.91 -5.95 50.83
N VAL B 239 15.84 -5.19 50.63
CA VAL B 239 15.90 -3.95 49.86
C VAL B 239 16.79 -2.93 50.56
N ASP B 240 16.67 -2.83 51.88
CA ASP B 240 17.48 -1.91 52.68
C ASP B 240 18.98 -2.17 52.51
N ALA B 241 19.36 -3.44 52.52
CA ALA B 241 20.76 -3.82 52.40
C ALA B 241 21.32 -3.47 51.02
N ILE B 242 20.49 -3.66 49.99
CA ILE B 242 20.85 -3.29 48.62
C ILE B 242 21.09 -1.77 48.51
N THR B 243 20.15 -1.00 49.04
CA THR B 243 20.25 0.46 49.02
C THR B 243 21.53 0.95 49.68
N THR B 244 21.81 0.45 50.88
CA THR B 244 22.97 0.88 51.64
C THR B 244 24.28 0.61 50.92
N THR B 245 24.40 -0.58 50.32
CA THR B 245 25.65 -0.98 49.67
C THR B 245 25.96 -0.18 48.40
N LEU B 246 24.92 0.28 47.69
CA LEU B 246 25.08 1.16 46.54
C LEU B 246 25.53 2.57 46.92
N SER B 247 25.32 2.94 48.19
CA SER B 247 25.67 4.25 48.70
C SER B 247 27.03 4.31 49.40
N LEU B 248 27.75 3.18 49.46
CA LEU B 248 29.07 3.15 50.09
C LEU B 248 30.10 3.78 49.16
N LYS B 249 30.90 4.71 49.67
CA LYS B 249 31.65 5.63 48.81
C LYS B 249 33.12 5.26 48.60
N SER B 250 33.58 4.17 49.19
CA SER B 250 34.96 3.71 48.99
C SER B 250 35.07 2.19 48.99
N ILE B 251 36.21 1.69 48.54
CA ILE B 251 36.50 0.25 48.56
C ILE B 251 36.74 -0.25 50.00
N ASP B 252 37.37 0.58 50.82
CA ASP B 252 37.55 0.25 52.23
C ASP B 252 36.20 0.02 52.90
N GLU B 253 35.20 0.84 52.57
CA GLU B 253 33.85 0.65 53.09
C GLU B 253 33.21 -0.66 52.60
N ILE B 254 33.49 -1.03 51.36
CA ILE B 254 33.07 -2.34 50.85
C ILE B 254 33.78 -3.42 51.67
N ALA B 255 35.08 -3.24 51.90
CA ALA B 255 35.87 -4.18 52.73
C ALA B 255 35.28 -4.38 54.13
N GLN B 256 34.84 -3.30 54.76
CA GLN B 256 34.20 -3.40 56.09
C GLN B 256 32.96 -4.29 56.06
N ARG B 257 32.18 -4.19 54.98
CA ARG B 257 30.90 -4.89 54.91
C ARG B 257 31.06 -6.38 54.56
N VAL B 258 31.86 -6.69 53.53
CA VAL B 258 31.99 -8.08 53.05
C VAL B 258 33.35 -8.73 53.33
N GLY B 259 34.31 -7.95 53.86
CA GLY B 259 35.65 -8.44 54.12
C GLY B 259 36.64 -8.04 53.04
N GLU B 260 37.90 -7.86 53.46
CA GLU B 260 38.99 -7.51 52.55
C GLU B 260 39.35 -8.68 51.59
N GLU B 261 38.94 -9.91 51.97
CA GLU B 261 39.15 -11.16 51.21
C GLU B 261 38.05 -11.50 50.24
N HIS B 262 37.00 -10.69 50.24
CA HIS B 262 35.96 -10.86 49.26
C HIS B 262 36.49 -10.61 47.84
N GLU B 263 36.08 -11.46 46.91
CA GLU B 263 36.63 -11.44 45.55
C GLU B 263 36.58 -10.05 44.92
N ALA B 264 35.46 -9.36 45.14
CA ALA B 264 35.27 -8.01 44.59
C ALA B 264 36.34 -7.03 45.07
N VAL B 265 36.73 -7.14 46.33
CA VAL B 265 37.70 -6.22 46.90
C VAL B 265 39.08 -6.46 46.25
N LYS B 266 39.53 -7.71 46.26
CA LYS B 266 40.83 -8.06 45.67
C LYS B 266 40.90 -7.63 44.22
N GLU B 267 39.83 -7.91 43.49
CA GLU B 267 39.81 -7.64 42.06
C GLU B 267 39.78 -6.13 41.75
N LEU B 268 38.95 -5.39 42.48
CA LEU B 268 38.89 -3.93 42.31
C LEU B 268 40.25 -3.30 42.67
N ARG B 269 40.89 -3.79 43.72
CA ARG B 269 42.22 -3.30 44.10
C ARG B 269 43.24 -3.54 42.99
N GLN B 270 43.27 -4.77 42.49
CA GLN B 270 44.12 -5.13 41.34
C GLN B 270 43.86 -4.23 40.13
N PHE B 271 42.58 -4.06 39.81
CA PHE B 271 42.17 -3.20 38.69
C PHE B 271 42.79 -1.80 38.81
N PHE B 272 42.56 -1.12 39.94
CA PHE B 272 43.06 0.24 40.10
C PHE B 272 44.58 0.30 40.13
N GLU B 273 45.20 -0.68 40.78
CA GLU B 273 46.65 -0.78 40.73
C GLU B 273 47.17 -0.87 39.27
N GLN B 274 46.52 -1.68 38.43
CA GLN B 274 46.99 -1.86 37.05
C GLN B 274 46.80 -0.62 36.17
N VAL B 275 45.64 0.03 36.31
CA VAL B 275 45.37 1.27 35.56
C VAL B 275 46.36 2.36 35.97
N GLU B 276 46.62 2.47 37.26
CA GLU B 276 47.62 3.40 37.79
C GLU B 276 48.96 3.13 37.11
N ALA B 277 49.36 1.87 37.07
CA ALA B 277 50.65 1.49 36.47
C ALA B 277 50.75 1.88 34.99
N TYR B 278 49.63 1.74 34.27
CA TYR B 278 49.56 2.10 32.86
C TYR B 278 49.56 3.63 32.64
N GLY B 279 49.25 4.39 33.69
CA GLY B 279 49.32 5.85 33.64
C GLY B 279 47.99 6.55 33.43
N TYR B 280 46.88 5.83 33.63
CA TYR B 280 45.54 6.40 33.44
C TYR B 280 44.75 6.49 34.76
N GLY B 281 45.47 6.56 35.88
CA GLY B 281 44.87 6.64 37.21
C GLY B 281 43.92 7.81 37.40
N ASP B 282 44.25 8.94 36.79
CA ASP B 282 43.39 10.12 36.88
C ASP B 282 42.06 9.94 36.12
N TRP B 283 41.95 8.94 35.26
CA TRP B 283 40.76 8.72 34.45
C TRP B 283 39.70 7.84 35.09
N VAL B 284 40.05 7.14 36.18
CA VAL B 284 39.19 6.11 36.71
C VAL B 284 38.91 6.34 38.18
N LEU B 285 37.77 5.82 38.64
CA LEU B 285 37.37 5.95 40.03
C LEU B 285 36.31 4.91 40.41
N PHE B 286 36.13 4.72 41.71
CA PHE B 286 35.18 3.75 42.24
C PHE B 286 33.81 4.40 42.46
N ASP B 287 32.76 3.68 42.09
CA ASP B 287 31.39 4.12 42.33
C ASP B 287 30.51 2.89 42.53
N ALA B 288 30.07 2.67 43.76
CA ALA B 288 29.27 1.50 44.11
C ALA B 288 27.84 1.50 43.53
N SER B 289 27.38 2.62 42.95
CA SER B 289 26.04 2.68 42.30
C SER B 289 26.02 2.20 40.82
N VAL B 290 27.18 1.95 40.24
CA VAL B 290 27.26 1.45 38.87
C VAL B 290 27.02 -0.06 38.76
N VAL B 291 25.96 -0.44 38.04
CA VAL B 291 25.66 -1.85 37.79
C VAL B 291 25.46 -2.19 36.31
N ARG B 292 25.06 -1.20 35.51
CA ARG B 292 24.66 -1.37 34.11
C ARG B 292 23.33 -2.10 34.01
N GLY B 293 22.66 -1.92 32.86
CA GLY B 293 21.33 -2.46 32.64
C GLY B 293 21.25 -3.81 31.95
N LEU B 294 22.38 -4.46 31.72
CA LEU B 294 22.37 -5.75 31.04
C LEU B 294 22.36 -6.91 32.03
N ALA B 295 21.62 -7.97 31.68
CA ALA B 295 21.45 -9.11 32.55
C ALA B 295 22.79 -9.79 32.80
N TYR B 296 23.62 -9.83 31.78
CA TYR B 296 24.72 -10.80 31.75
C TYR B 296 26.01 -10.45 32.47
N TYR B 297 26.16 -9.25 33.01
CA TYR B 297 27.40 -8.94 33.74
C TYR B 297 27.48 -9.70 35.08
N THR B 298 28.61 -10.35 35.30
CA THR B 298 28.87 -11.15 36.50
C THR B 298 29.86 -10.50 37.46
N GLY B 299 30.72 -9.62 36.95
CA GLY B 299 31.85 -9.13 37.74
C GLY B 299 31.99 -7.63 37.65
N ILE B 300 33.21 -7.18 37.35
CA ILE B 300 33.45 -5.75 37.16
C ILE B 300 32.51 -5.15 36.09
N VAL B 301 31.94 -4.00 36.40
CA VAL B 301 31.19 -3.21 35.43
C VAL B 301 31.71 -1.78 35.49
N PHE B 302 31.52 -1.05 34.38
CA PHE B 302 32.02 0.30 34.28
C PHE B 302 31.27 1.11 33.25
N GLU B 303 31.34 2.43 33.40
CA GLU B 303 30.76 3.34 32.42
C GLU B 303 31.47 4.70 32.43
N GLY B 304 31.60 5.27 31.24
CA GLY B 304 32.26 6.55 31.07
C GLY B 304 31.25 7.66 31.24
N PHE B 305 31.71 8.81 31.69
CA PHE B 305 30.82 9.92 32.00
C PHE B 305 31.57 11.22 31.83
N ASP B 306 30.83 12.30 31.55
CA ASP B 306 31.46 13.63 31.50
C ASP B 306 31.45 14.24 32.88
N ARG B 307 32.55 14.91 33.22
CA ARG B 307 32.74 15.46 34.56
C ARG B 307 31.82 16.64 34.89
N GLU B 308 31.18 17.23 33.87
CA GLU B 308 30.23 18.32 34.09
C GLU B 308 28.82 17.83 34.38
N GLY B 309 28.59 16.53 34.29
CA GLY B 309 27.28 15.95 34.57
C GLY B 309 26.19 16.35 33.58
N LYS B 310 26.57 16.54 32.32
CA LYS B 310 25.65 17.04 31.30
C LYS B 310 25.04 15.97 30.40
N PHE B 311 25.74 14.85 30.23
CA PHE B 311 25.33 13.86 29.25
C PHE B 311 25.10 12.48 29.86
N ARG B 312 24.36 11.65 29.13
CA ARG B 312 24.23 10.23 29.45
C ARG B 312 25.59 9.53 29.33
N ALA B 313 25.64 8.24 29.65
CA ALA B 313 26.88 7.49 29.61
C ALA B 313 27.56 7.54 28.23
N LEU B 314 28.89 7.71 28.22
CA LEU B 314 29.67 7.79 26.98
C LEU B 314 30.01 6.41 26.48
N CYS B 315 30.19 5.48 27.41
CA CYS B 315 30.43 4.09 27.08
C CYS B 315 30.08 3.25 28.28
N GLY B 316 29.92 1.95 28.07
CA GLY B 316 29.56 1.05 29.15
C GLY B 316 29.99 -0.37 28.87
N GLY B 317 30.31 -1.10 29.93
CA GLY B 317 30.72 -2.50 29.78
C GLY B 317 30.94 -3.24 31.08
N GLY B 318 31.62 -4.37 30.98
CA GLY B 318 31.81 -5.25 32.14
C GLY B 318 32.16 -6.68 31.78
N ARG B 319 32.36 -7.49 32.81
CA ARG B 319 32.65 -8.91 32.66
C ARG B 319 31.35 -9.68 32.61
N TYR B 320 31.30 -10.66 31.70
CA TYR B 320 30.15 -11.54 31.57
C TYR B 320 30.59 -13.00 31.35
N ASP B 321 30.93 -13.66 32.46
CA ASP B 321 31.56 -14.99 32.42
C ASP B 321 30.59 -16.16 32.20
N ASN B 322 29.29 -15.90 32.33
CA ASN B 322 28.28 -16.94 32.19
C ASN B 322 27.53 -16.97 30.85
N LEU B 323 27.67 -15.91 30.04
CA LEU B 323 26.86 -15.80 28.82
C LEU B 323 27.00 -17.01 27.90
N LEU B 324 28.24 -17.40 27.63
CA LEU B 324 28.47 -18.50 26.71
C LEU B 324 27.91 -19.80 27.28
N THR B 325 27.97 -19.96 28.60
CA THR B 325 27.35 -21.12 29.25
C THR B 325 25.82 -21.13 29.05
N THR B 326 25.16 -19.97 29.15
CA THR B 326 23.72 -19.91 28.91
C THR B 326 23.38 -20.24 27.45
N TYR B 327 24.28 -19.89 26.53
CA TYR B 327 24.11 -20.22 25.11
C TYR B 327 24.40 -21.69 24.78
N GLY B 328 24.83 -22.47 25.76
CA GLY B 328 25.03 -23.90 25.58
C GLY B 328 26.49 -24.34 25.43
N SER B 329 27.45 -23.43 25.64
CA SER B 329 28.85 -23.84 25.65
C SER B 329 29.07 -24.95 26.68
N PRO B 330 29.72 -26.06 26.26
CA PRO B 330 29.99 -27.13 27.22
C PRO B 330 30.99 -26.73 28.30
N THR B 331 31.85 -25.74 28.02
CA THR B 331 32.75 -25.21 29.03
C THR B 331 32.56 -23.70 29.20
N PRO B 332 32.68 -23.20 30.45
CA PRO B 332 32.59 -21.75 30.70
C PRO B 332 33.67 -20.94 29.99
N ILE B 333 33.26 -19.84 29.37
CA ILE B 333 34.20 -19.00 28.66
C ILE B 333 34.14 -17.60 29.25
N PRO B 334 35.22 -17.17 29.90
CA PRO B 334 35.24 -15.84 30.46
C PRO B 334 35.30 -14.79 29.36
N CYS B 335 34.54 -13.73 29.53
CA CYS B 335 34.50 -12.62 28.59
C CYS B 335 34.34 -11.33 29.37
N ALA B 336 34.89 -10.25 28.80
CA ALA B 336 34.62 -8.89 29.25
C ALA B 336 34.67 -7.99 28.04
N GLY B 337 33.94 -6.89 28.09
CA GLY B 337 33.96 -5.92 26.99
C GLY B 337 33.15 -4.67 27.26
N PHE B 338 33.11 -3.80 26.25
CA PHE B 338 32.29 -2.59 26.32
C PHE B 338 31.70 -2.18 24.98
N GLY B 339 30.69 -1.32 25.06
CA GLY B 339 30.13 -0.62 23.94
C GLY B 339 30.35 0.86 24.15
N PHE B 340 30.55 1.57 23.04
CA PHE B 340 30.91 2.96 23.06
C PHE B 340 30.14 3.59 21.90
N GLY B 341 29.06 4.28 22.23
CA GLY B 341 28.16 4.84 21.24
C GLY B 341 28.74 5.99 20.42
N ASP B 342 28.09 6.30 19.30
CA ASP B 342 28.57 7.37 18.40
C ASP B 342 27.85 8.72 18.61
N CYS B 343 26.82 8.78 19.43
CA CYS B 343 25.98 9.96 19.53
C CYS B 343 26.35 10.85 20.72
N VAL B 344 26.46 10.28 21.91
CA VAL B 344 26.79 11.06 23.08
C VAL B 344 28.19 11.66 23.00
N ILE B 345 29.18 10.86 22.59
CA ILE B 345 30.55 11.37 22.42
C ILE B 345 30.61 12.60 21.51
N VAL B 346 29.84 12.61 20.44
CA VAL B 346 29.88 13.71 19.49
C VAL B 346 29.32 14.99 20.12
N GLU B 347 28.24 14.85 20.89
CA GLU B 347 27.68 16.00 21.62
C GLU B 347 28.71 16.58 22.58
N LEU B 348 29.40 15.71 23.30
CA LEU B 348 30.43 16.13 24.22
C LEU B 348 31.54 16.85 23.48
N LEU B 349 32.01 16.27 22.38
CA LEU B 349 33.07 16.89 21.60
C LEU B 349 32.65 18.25 21.02
N GLN B 350 31.39 18.36 20.59
CA GLN B 350 30.83 19.64 20.14
C GLN B 350 30.83 20.66 21.28
N GLU B 351 30.38 20.25 22.46
CA GLU B 351 30.42 21.14 23.64
C GLU B 351 31.85 21.62 23.93
N LYS B 352 32.81 20.69 23.91
CA LYS B 352 34.19 21.01 24.24
C LYS B 352 34.94 21.65 23.06
N ARG B 353 34.24 21.88 21.95
CA ARG B 353 34.83 22.49 20.74
C ARG B 353 35.99 21.69 20.17
N LEU B 354 35.81 20.38 20.14
CA LEU B 354 36.81 19.46 19.60
C LEU B 354 36.38 18.82 18.28
N LEU B 355 35.29 19.32 17.68
CA LEU B 355 34.84 18.87 16.38
C LEU B 355 34.77 20.02 15.38
N PRO B 356 35.93 20.64 15.09
CA PRO B 356 35.90 21.65 14.04
C PRO B 356 35.49 21.00 12.73
N ASP B 357 34.89 21.78 11.84
CA ASP B 357 34.55 21.30 10.51
C ASP B 357 35.84 20.82 9.86
N ILE B 358 35.81 19.62 9.31
CA ILE B 358 36.94 19.07 8.57
C ILE B 358 36.63 19.26 7.09
N PRO B 359 37.27 20.24 6.41
CA PRO B 359 36.94 20.45 5.00
C PRO B 359 37.61 19.45 4.06
N HIS B 360 36.95 19.13 2.96
CA HIS B 360 37.51 18.23 1.98
C HIS B 360 38.86 18.71 1.44
N VAL B 361 39.77 17.77 1.18
CA VAL B 361 41.08 18.07 0.60
C VAL B 361 41.38 17.09 -0.53
N VAL B 362 42.20 17.53 -1.47
CA VAL B 362 42.70 16.72 -2.58
C VAL B 362 44.04 17.34 -2.98
N ASP B 363 45.03 16.51 -3.34
CA ASP B 363 46.37 17.05 -3.61
C ASP B 363 46.37 17.97 -4.84
N ASP B 364 45.94 17.43 -5.98
CA ASP B 364 45.99 18.13 -7.26
C ASP B 364 44.66 18.29 -7.95
N VAL B 365 44.47 19.43 -8.61
CA VAL B 365 43.41 19.58 -9.58
C VAL B 365 44.03 19.94 -10.93
N VAL B 366 43.87 19.02 -11.87
CA VAL B 366 44.40 19.15 -13.20
C VAL B 366 43.37 19.88 -14.05
N ILE B 367 43.84 20.95 -14.67
CA ILE B 367 42.97 21.85 -15.44
C ILE B 367 43.41 21.87 -16.88
N PRO B 368 42.60 21.33 -17.78
CA PRO B 368 42.89 21.52 -19.21
C PRO B 368 42.67 22.97 -19.60
N PHE B 369 43.61 23.57 -20.33
CA PHE B 369 43.42 24.94 -20.81
C PHE B 369 42.16 25.07 -21.68
N ASP B 370 41.89 24.02 -22.44
CA ASP B 370 40.66 23.92 -23.24
C ASP B 370 40.52 22.44 -23.58
N GLU B 371 39.47 22.08 -24.32
CA GLU B 371 39.17 20.67 -24.61
C GLU B 371 40.24 19.97 -25.46
N SER B 372 40.92 20.73 -26.32
CA SER B 372 41.99 20.17 -27.13
C SER B 372 43.16 19.69 -26.26
N MET B 373 43.24 20.19 -25.03
CA MET B 373 44.25 19.74 -24.07
C MET B 373 43.80 18.57 -23.18
N ARG B 374 42.55 18.13 -23.31
CA ARG B 374 42.01 17.11 -22.41
C ARG B 374 42.80 15.80 -22.44
N PRO B 375 43.18 15.31 -23.64
CA PRO B 375 43.95 14.08 -23.69
C PRO B 375 45.29 14.18 -22.94
N HIS B 376 46.00 15.27 -23.14
CA HIS B 376 47.27 15.51 -22.47
C HIS B 376 47.06 15.62 -20.96
N ALA B 377 46.02 16.34 -20.55
CA ALA B 377 45.65 16.47 -19.15
C ALA B 377 45.38 15.13 -18.45
N LEU B 378 44.80 14.20 -19.20
CA LEU B 378 44.52 12.88 -18.68
C LEU B 378 45.80 12.09 -18.44
N ALA B 379 46.76 12.21 -19.35
CA ALA B 379 48.08 11.60 -19.14
C ALA B 379 48.75 12.13 -17.89
N VAL B 380 48.67 13.44 -17.68
CA VAL B 380 49.19 14.08 -16.47
C VAL B 380 48.48 13.53 -15.22
N LEU B 381 47.13 13.52 -15.24
CA LEU B 381 46.31 12.95 -14.17
C LEU B 381 46.72 11.52 -13.81
N ARG B 382 46.87 10.69 -14.83
CA ARG B 382 47.37 9.32 -14.64
C ARG B 382 48.66 9.33 -13.83
N ARG B 383 49.64 10.12 -14.27
CA ARG B 383 50.96 10.18 -13.60
C ARG B 383 50.83 10.53 -12.12
N LEU B 384 50.07 11.58 -11.85
CA LEU B 384 49.87 12.05 -10.48
C LEU B 384 49.27 10.95 -9.60
N ARG B 385 48.27 10.27 -10.12
CA ARG B 385 47.63 9.20 -9.37
C ARG B 385 48.54 7.99 -9.22
N ASP B 386 49.35 7.67 -10.25
CA ASP B 386 50.33 6.58 -10.14
C ASP B 386 51.31 6.79 -8.99
N ALA B 387 51.60 8.04 -8.67
CA ALA B 387 52.58 8.38 -7.63
C ALA B 387 51.98 8.47 -6.23
N GLY B 388 50.68 8.15 -6.09
CA GLY B 388 50.01 8.09 -4.81
C GLY B 388 49.31 9.38 -4.40
N ARG B 389 49.17 10.30 -5.33
CA ARG B 389 48.50 11.57 -5.05
C ARG B 389 47.01 11.45 -5.33
N SER B 390 46.20 12.16 -4.55
CA SER B 390 44.78 12.31 -4.83
C SER B 390 44.64 13.46 -5.81
N ALA B 391 43.95 13.23 -6.92
CA ALA B 391 43.86 14.23 -7.96
C ALA B 391 42.53 14.16 -8.68
N ASP B 392 41.97 15.34 -8.94
CA ASP B 392 40.85 15.50 -9.85
C ASP B 392 41.34 16.04 -11.20
N ILE B 393 40.53 15.81 -12.22
CA ILE B 393 40.60 16.59 -13.45
C ILE B 393 39.24 17.29 -13.60
N ILE B 394 39.25 18.51 -14.10
CA ILE B 394 38.01 19.23 -14.37
C ILE B 394 37.28 18.45 -15.45
N LEU B 395 36.07 18.01 -15.14
CA LEU B 395 35.36 17.08 -16.02
C LEU B 395 34.57 17.75 -17.13
N ASP B 396 33.80 18.80 -16.82
CA ASP B 396 33.04 19.53 -17.87
C ASP B 396 33.88 20.66 -18.47
N LYS B 397 33.28 21.40 -19.39
CA LYS B 397 33.91 22.53 -20.04
C LYS B 397 33.86 23.72 -19.11
N LYS B 398 35.03 24.19 -18.69
CA LYS B 398 35.08 25.39 -17.88
C LYS B 398 36.21 26.29 -18.33
N LYS B 399 36.00 27.59 -18.21
CA LYS B 399 37.08 28.54 -18.38
C LYS B 399 38.02 28.42 -17.19
N VAL B 400 39.29 28.69 -17.44
CA VAL B 400 40.36 28.48 -16.46
C VAL B 400 40.06 29.06 -15.09
N VAL B 401 39.68 30.33 -15.03
CA VAL B 401 39.41 30.97 -13.74
C VAL B 401 38.29 30.25 -12.96
N GLN B 402 37.27 29.74 -13.66
CA GLN B 402 36.23 28.95 -13.00
C GLN B 402 36.77 27.60 -12.53
N ALA B 403 37.67 26.99 -13.30
CA ALA B 403 38.33 25.75 -12.87
C ALA B 403 39.13 25.97 -11.59
N PHE B 404 39.81 27.12 -11.53
CA PHE B 404 40.58 27.48 -10.37
C PHE B 404 39.73 27.70 -9.14
N ASN B 405 38.60 28.37 -9.31
CA ASN B 405 37.66 28.55 -8.22
C ASN B 405 37.20 27.19 -7.68
N TYR B 406 36.92 26.29 -8.62
CA TYR B 406 36.52 24.94 -8.27
C TYR B 406 37.57 24.20 -7.45
N ALA B 407 38.83 24.30 -7.88
CA ALA B 407 39.95 23.77 -7.13
C ALA B 407 39.95 24.25 -5.70
N ASP B 408 39.77 25.56 -5.52
CA ASP B 408 39.73 26.12 -4.18
C ASP B 408 38.57 25.56 -3.35
N ARG B 409 37.40 25.42 -3.97
CA ARG B 409 36.21 24.88 -3.27
C ARG B 409 36.44 23.45 -2.77
N VAL B 410 37.12 22.62 -3.55
CA VAL B 410 37.37 21.22 -3.15
C VAL B 410 38.61 21.08 -2.25
N GLY B 411 39.28 22.20 -1.97
CA GLY B 411 40.40 22.22 -1.05
C GLY B 411 41.63 21.58 -1.64
N ALA B 412 41.87 21.81 -2.93
CA ALA B 412 43.07 21.34 -3.59
C ALA B 412 44.29 22.06 -3.04
N VAL B 413 45.37 21.32 -2.80
CA VAL B 413 46.63 21.89 -2.37
C VAL B 413 47.32 22.57 -3.54
N ARG B 414 47.06 22.07 -4.75
CA ARG B 414 47.80 22.46 -5.92
C ARG B 414 46.92 22.40 -7.18
N ALA B 415 47.03 23.44 -8.01
CA ALA B 415 46.39 23.46 -9.33
C ALA B 415 47.44 23.23 -10.42
N VAL B 416 47.13 22.34 -11.34
CA VAL B 416 48.01 21.95 -12.43
C VAL B 416 47.34 22.26 -13.76
N LEU B 417 47.72 23.39 -14.35
CA LEU B 417 47.15 23.82 -15.63
C LEU B 417 47.98 23.22 -16.77
N VAL B 418 47.29 22.50 -17.66
CA VAL B 418 47.90 21.88 -18.82
C VAL B 418 47.51 22.70 -20.06
N ALA B 419 48.43 23.59 -20.47
CA ALA B 419 48.21 24.53 -21.57
C ALA B 419 49.14 24.25 -22.75
N PRO B 420 48.70 24.54 -24.00
CA PRO B 420 49.43 24.14 -25.20
C PRO B 420 50.89 24.62 -25.25
N GLU B 421 51.13 25.88 -24.88
CA GLU B 421 52.47 26.48 -24.89
C GLU B 421 53.47 25.69 -24.02
N GLU B 422 53.09 25.46 -22.76
CA GLU B 422 53.94 24.73 -21.81
C GLU B 422 54.14 23.29 -22.27
N TRP B 423 53.08 22.69 -22.80
CA TRP B 423 53.11 21.30 -23.23
C TRP B 423 54.16 21.02 -24.31
N GLU B 424 54.34 21.96 -25.24
CA GLU B 424 55.36 21.85 -26.29
C GLU B 424 56.78 21.87 -25.71
N ARG B 425 56.93 22.50 -24.55
CA ARG B 425 58.21 22.53 -23.83
C ARG B 425 58.35 21.35 -22.86
N GLY B 426 57.41 20.41 -22.88
CA GLY B 426 57.40 19.30 -21.94
C GLY B 426 57.12 19.75 -20.50
N GLU B 427 56.21 20.72 -20.35
CA GLU B 427 55.92 21.32 -19.06
C GLU B 427 54.44 21.55 -18.83
N VAL B 428 54.10 21.85 -17.57
CA VAL B 428 52.78 22.33 -17.19
C VAL B 428 52.96 23.54 -16.27
N GLN B 429 51.87 24.26 -16.02
CA GLN B 429 51.88 25.33 -15.03
C GLN B 429 51.33 24.82 -13.72
N VAL B 430 52.04 25.11 -12.63
CA VAL B 430 51.63 24.72 -11.29
C VAL B 430 51.42 25.95 -10.42
N LYS B 431 50.36 25.92 -9.63
CA LYS B 431 50.06 26.99 -8.69
C LYS B 431 49.64 26.39 -7.35
N MET B 432 50.28 26.85 -6.27
CA MET B 432 49.99 26.37 -4.92
C MET B 432 48.86 27.21 -4.33
N LEU B 433 47.85 26.55 -3.79
CA LEU B 433 46.64 27.24 -3.33
C LEU B 433 46.66 27.36 -1.81
N ARG B 446 51.70 33.70 -7.91
CA ARG B 446 51.77 33.38 -9.32
C ARG B 446 52.14 31.92 -9.56
N GLY B 447 51.87 31.45 -10.78
CA GLY B 447 52.17 30.07 -11.18
C GLY B 447 53.62 29.88 -11.59
N PHE B 448 54.02 28.63 -11.74
CA PHE B 448 55.38 28.28 -12.18
C PHE B 448 55.29 27.20 -13.25
N ALA B 449 56.19 27.25 -14.23
CA ALA B 449 56.29 26.20 -15.24
C ALA B 449 57.16 25.07 -14.69
N VAL B 450 56.69 23.83 -14.84
CA VAL B 450 57.34 22.67 -14.22
C VAL B 450 57.47 21.53 -15.24
N PRO B 451 58.64 20.89 -15.31
CA PRO B 451 58.74 19.71 -16.19
C PRO B 451 57.84 18.58 -15.71
N LEU B 452 57.25 17.82 -16.64
CA LEU B 452 56.36 16.71 -16.28
C LEU B 452 56.98 15.73 -15.29
N ASP B 453 58.24 15.35 -15.53
CA ASP B 453 58.97 14.41 -14.66
C ASP B 453 59.05 14.87 -13.21
N ARG B 454 59.06 16.18 -12.99
CA ARG B 454 59.24 16.75 -11.65
C ARG B 454 57.95 16.99 -10.87
N LEU B 455 56.79 16.64 -11.42
CA LEU B 455 55.50 16.87 -10.74
C LEU B 455 55.29 16.03 -9.49
N VAL B 456 55.98 14.89 -9.42
CA VAL B 456 55.72 13.88 -8.39
C VAL B 456 56.96 13.58 -7.54
N HIS C . -37.11 -10.04 -14.56
CA HIS C . -36.79 -9.04 -13.50
C HIS C . -37.74 -7.88 -13.61
O HIS C . -38.48 -7.80 -14.58
CB HIS C . -35.35 -8.55 -13.67
CG HIS C . -34.35 -9.66 -13.61
ND1 HIS C . -34.15 -10.39 -12.46
CD2 HIS C . -33.56 -10.22 -14.54
CE1 HIS C . -33.23 -11.32 -12.68
NE2 HIS C . -32.86 -11.23 -13.94
OXT HIS C . -37.77 -7.01 -12.74
C2 4JN D . -43.97 -3.39 -19.74
C3 4JN D . -43.78 -2.20 -19.07
C4 4JN D . -43.39 -3.21 -17.07
N1 4JN D . -43.47 -2.08 -17.78
C1 4JN D . -43.87 -4.55 -18.98
BR 4JN D . -44.00 -0.57 -20.01
C 4JN D . -43.58 -4.48 -17.62
N 4JN D . -43.48 -5.60 -16.84
S DMS E . -17.23 4.58 -17.80
O DMS E . -16.59 5.36 -16.72
C1 DMS E . -16.15 4.36 -19.10
C2 DMS E . -17.40 2.97 -17.24
S DMS F . -44.47 -21.34 -13.18
O DMS F . -43.41 -20.44 -12.68
C1 DMS F . -44.10 -21.87 -14.76
C2 DMS F . -44.30 -22.87 -12.42
C1 EDO G . -52.16 -22.66 -33.78
O1 EDO G . -50.87 -23.08 -33.31
C2 EDO G . -52.48 -21.45 -32.98
O2 EDO G . -52.66 -21.95 -31.68
S SO4 H . -39.12 1.55 -17.58
O1 SO4 H . -40.18 2.60 -17.44
O2 SO4 H . -38.90 1.26 -19.02
O3 SO4 H . -39.59 0.33 -16.88
O4 SO4 H . -37.84 2.02 -17.02
S SO4 I . -17.89 8.42 -9.46
O1 SO4 I . -19.34 8.56 -9.70
O2 SO4 I . -17.15 9.33 -10.36
O3 SO4 I . -17.47 7.03 -9.70
O4 SO4 I . -17.59 8.76 -8.05
S SO4 J . -30.35 -4.29 -31.72
O1 SO4 J . -31.56 -3.60 -32.24
O2 SO4 J . -29.14 -3.81 -32.43
O3 SO4 J . -30.49 -5.75 -31.97
O4 SO4 J . -30.18 -4.01 -30.27
N HIS K . 26.54 -4.98 24.62
CA HIS K . 26.77 -3.98 25.71
C HIS K . 25.86 -2.79 25.56
O HIS K . 25.30 -2.60 24.48
CB HIS K . 28.23 -3.50 25.68
CG HIS K . 29.19 -4.61 25.79
ND1 HIS K . 29.32 -5.36 26.94
CD2 HIS K . 30.03 -5.18 24.89
CE1 HIS K . 30.22 -6.31 26.74
NE2 HIS K . 30.66 -6.21 25.51
OXT HIS K . 25.71 -2.02 26.52
C2 4JN L . 19.83 1.77 19.36
C3 4JN L . 20.01 2.97 20.02
C4 4JN L . 20.41 1.96 22.02
N1 4JN L . 20.29 3.09 21.32
C1 4JN L . 19.96 0.62 20.11
BR 4JN L . 19.85 4.59 19.04
C 4JN L . 20.26 0.70 21.47
N 4JN L . 20.39 -0.43 22.23
S DMS M . 46.32 9.95 22.79
O DMS M . 47.25 10.63 23.72
C1 DMS M . 47.10 9.78 21.27
C2 DMS M . 46.14 8.32 23.27
S DMS N . 19.48 -16.13 25.63
O DMS N . 20.01 -15.93 24.27
C1 DMS N . 19.68 -17.78 26.02
C2 DMS N . 20.52 -15.42 26.79
S DMS O . 60.09 21.85 -10.07
O DMS O . 60.81 22.25 -11.33
C1 DMS O . 60.89 20.48 -9.51
C2 DMS O . 60.49 23.08 -9.00
C1 EDO P . 13.62 -17.67 5.74
O1 EDO P . 13.67 -17.43 4.33
C2 EDO P . 12.62 -16.66 6.27
O2 EDO P . 12.03 -16.06 5.13
C1 EDO Q . 47.30 27.84 -12.71
O1 EDO Q . 48.26 26.87 -12.25
C2 EDO Q . 45.94 27.50 -12.13
O2 EDO Q . 44.92 27.68 -13.09
C1 EDO R . 24.48 -13.34 35.21
O1 EDO R . 24.77 -14.75 35.18
C2 EDO R . 23.82 -13.01 36.53
O2 EDO R . 24.12 -11.66 36.88
C1 EDO S . 10.00 -7.15 38.59
O1 EDO S . 9.26 -6.20 39.37
C2 EDO S . 10.03 -8.48 39.33
O2 EDO S . 9.69 -9.49 38.41
S SO4 T . 24.77 6.74 21.95
O1 SO4 T . 24.81 6.11 20.62
O2 SO4 T . 23.70 7.78 22.01
O3 SO4 T . 24.47 5.72 23.00
O4 SO4 T . 26.08 7.38 22.19
S SO4 U . 45.33 13.54 31.05
O1 SO4 U . 44.06 13.98 30.45
O2 SO4 U . 46.40 14.53 30.73
O3 SO4 U . 45.66 12.19 30.55
O4 SO4 U . 45.15 13.47 32.52
#